data_8VVI
#
_entry.id   8VVI
#
_cell.length_a   1.00
_cell.length_b   1.00
_cell.length_c   1.00
_cell.angle_alpha   90.00
_cell.angle_beta   90.00
_cell.angle_gamma   90.00
#
_symmetry.space_group_name_H-M   'P 1'
#
loop_
_entity.id
_entity.type
_entity.pdbx_description
1 polymer 'MotA/TolQ/ExbB proton channel domain-containing protein'
2 polymer 'Motility protein B-like N-terminal domain-containing protein'
#
loop_
_entity_poly.entity_id
_entity_poly.type
_entity_poly.pdbx_seq_one_letter_code
_entity_poly.pdbx_strand_id
1 'polypeptide(L)'
;MIHNMAYFGVGLITLMFLIFVMNRRNKSIQELAPGILITTGIFFTFVGIAIGLVHFNADNVDDSLPTLLNGIKTAFWASA
TGVFFALIIKILDIFDLTRTNESSAVEGMSIDDIVTYQAKQTDVLVEILRSIKNMHSSIAAQDDSSLVSQIALLRDDSNK
KSDALRQEFRDFAATMAENNSKIFIEALKDVIKNFNDKISEQFGDNFKQLNQAVEKTVIWQENYRNQMAQSIETMTLIAS
MLESQAHDYSIIVSNSAEFESHVSAMGRSLEEITFQREQLQSMIHSLVNFLESASDSLPLIGQKVDDMTERLVKGMNEAT
EEVQKQVTILDHELEIALKRSLEGLGQQLASLSNKFVQDYTPLTEKLREVVALAAKQR
;
F,C,D,E,G
2 'polypeptide(L)'
;MSSLPQKKHHHKEDYWISLSDMMTSLMMLFLLISVIYMIKVQDSVKVPQIYKETTQGLNHALKKEFDKDLMKWGAVIDKD
LTVRFQQPDILFATGSSALTPRFKEILDDFFIRYLKIMMSKPFINNIEEIRIEGHTSSMWEGESDRGKAYFKNMTLSQER
TRATLEYIMTSDKINLTGEQKEWLMRHFSAIGFSSGHPLTNKGTYLVDGESEDSQLSQRVEFRVRTNIERKVADIVEKEN
LYFQGQFGSWSHPQFEKGGGSGGGSGGGSWSHPQFEK
;
A,B
#
# COMPACT_ATOMS: atom_id res chain seq x y z
N MET A 1 11.36 17.81 -26.07
CA MET A 1 10.33 16.77 -26.05
C MET A 1 10.29 16.02 -24.72
N ILE A 2 9.84 14.76 -24.74
CA ILE A 2 9.46 14.09 -23.50
C ILE A 2 10.70 13.73 -22.67
N HIS A 3 11.56 12.88 -23.21
CA HIS A 3 12.73 12.43 -22.46
C HIS A 3 13.93 13.37 -22.59
N ASN A 4 13.83 14.42 -23.41
CA ASN A 4 14.83 15.47 -23.47
C ASN A 4 14.42 16.71 -22.71
N MET A 5 13.34 16.64 -21.95
CA MET A 5 12.84 17.82 -21.24
C MET A 5 13.74 18.18 -20.04
N ALA A 6 14.34 17.18 -19.40
CA ALA A 6 15.22 17.45 -18.28
C ALA A 6 16.46 18.23 -18.73
N TYR A 7 17.02 17.86 -19.88
CA TYR A 7 18.17 18.60 -20.41
C TYR A 7 17.74 19.96 -20.94
N PHE A 8 16.55 20.04 -21.54
CA PHE A 8 16.03 21.33 -21.99
C PHE A 8 15.76 22.25 -20.80
N GLY A 9 15.20 21.70 -19.72
CA GLY A 9 14.98 22.51 -18.53
C GLY A 9 16.27 23.00 -17.92
N VAL A 10 17.28 22.13 -17.85
CA VAL A 10 18.59 22.55 -17.35
C VAL A 10 19.24 23.55 -18.30
N GLY A 11 19.21 23.25 -19.60
CA GLY A 11 19.86 24.12 -20.57
C GLY A 11 19.24 25.50 -20.66
N LEU A 12 17.92 25.60 -20.50
CA LEU A 12 17.26 26.89 -20.55
C LEU A 12 17.68 27.77 -19.38
N ILE A 13 17.82 27.19 -18.18
CA ILE A 13 18.21 27.98 -17.02
C ILE A 13 19.66 28.42 -17.13
N THR A 14 20.53 27.57 -17.66
CA THR A 14 21.91 27.99 -17.90
C THR A 14 21.98 29.13 -18.91
N LEU A 15 21.13 29.09 -19.94
CA LEU A 15 21.12 30.16 -20.93
C LEU A 15 20.65 31.48 -20.31
N MET A 16 19.62 31.44 -19.47
CA MET A 16 19.17 32.66 -18.81
C MET A 16 20.20 33.17 -17.82
N PHE A 17 20.89 32.27 -17.13
CA PHE A 17 21.96 32.68 -16.22
C PHE A 17 23.08 33.37 -16.98
N LEU A 18 23.44 32.85 -18.15
CA LEU A 18 24.46 33.50 -18.97
C LEU A 18 24.00 34.87 -19.44
N ILE A 19 22.70 35.04 -19.66
CA ILE A 19 22.17 36.36 -19.99
C ILE A 19 22.25 37.28 -18.79
N PHE A 20 21.99 36.75 -17.60
CA PHE A 20 22.01 37.57 -16.39
C PHE A 20 23.43 38.07 -16.07
N VAL A 21 24.43 37.21 -16.25
CA VAL A 21 25.80 37.60 -15.90
C VAL A 21 26.38 38.60 -16.89
N MET A 22 25.95 38.59 -18.14
CA MET A 22 26.40 39.60 -19.09
C MET A 22 25.65 40.92 -18.92
N ASN A 23 24.62 40.94 -18.08
CA ASN A 23 23.92 42.17 -17.70
C ASN A 23 24.14 42.46 -16.22
N ARG A 24 25.31 42.10 -15.69
CA ARG A 24 25.56 42.19 -14.26
C ARG A 24 25.67 43.63 -13.78
N ARG A 25 26.17 44.53 -14.62
CA ARG A 25 26.38 45.91 -14.21
C ARG A 25 25.08 46.72 -14.14
N ASN A 26 23.97 46.17 -14.62
CA ASN A 26 22.70 46.90 -14.57
C ASN A 26 22.24 47.11 -13.13
N LYS A 27 22.31 46.06 -12.31
CA LYS A 27 21.90 46.04 -10.90
C LYS A 27 20.39 46.20 -10.74
N SER A 28 19.64 46.39 -11.83
CA SER A 28 18.18 46.36 -11.81
C SER A 28 17.64 45.05 -12.38
N ILE A 29 18.27 44.54 -13.44
CA ILE A 29 18.00 43.17 -13.87
C ILE A 29 18.38 42.19 -12.77
N GLN A 30 19.52 42.44 -12.11
CA GLN A 30 19.86 41.71 -10.91
C GLN A 30 18.86 42.01 -9.81
N GLU A 31 18.84 41.15 -8.80
CA GLU A 31 17.89 41.19 -7.68
C GLU A 31 16.51 40.78 -8.15
N LEU A 32 16.35 40.60 -9.46
CA LEU A 32 15.19 39.94 -10.05
C LEU A 32 15.55 38.61 -10.69
N ALA A 33 16.81 38.41 -11.06
CA ALA A 33 17.26 37.15 -11.63
C ALA A 33 17.09 35.97 -10.68
N PRO A 34 17.48 36.04 -9.40
CA PRO A 34 17.28 34.87 -8.52
C PRO A 34 15.82 34.46 -8.40
N GLY A 35 14.89 35.41 -8.39
CA GLY A 35 13.48 35.07 -8.31
C GLY A 35 12.91 34.49 -9.59
N ILE A 36 13.60 34.69 -10.71
CA ILE A 36 13.13 34.22 -12.00
C ILE A 36 13.80 32.90 -12.39
N LEU A 37 15.07 32.72 -12.01
CA LEU A 37 15.73 31.43 -12.23
C LEU A 37 15.04 30.32 -11.45
N ILE A 38 14.66 30.60 -10.20
CA ILE A 38 13.94 29.61 -9.41
C ILE A 38 12.53 29.41 -9.96
N THR A 39 11.90 30.49 -10.42
CA THR A 39 10.55 30.39 -10.95
C THR A 39 10.50 29.50 -12.18
N THR A 40 11.52 29.59 -13.05
CA THR A 40 11.60 28.69 -14.19
C THR A 40 11.78 27.24 -13.73
N GLY A 41 12.52 27.05 -12.64
CA GLY A 41 12.60 25.72 -12.05
C GLY A 41 11.26 25.22 -11.56
N ILE A 42 10.47 26.12 -10.95
CA ILE A 42 9.11 25.76 -10.55
C ILE A 42 8.26 25.42 -11.76
N PHE A 43 8.47 26.12 -12.87
CA PHE A 43 7.72 25.84 -14.08
C PHE A 43 8.01 24.43 -14.59
N PHE A 44 9.28 24.01 -14.55
CA PHE A 44 9.65 22.69 -15.02
C PHE A 44 9.32 21.58 -14.02
N THR A 45 9.09 21.92 -12.75
CA THR A 45 8.54 20.93 -11.82
C THR A 45 7.09 20.63 -12.17
N PHE A 46 6.30 21.66 -12.42
CA PHE A 46 4.91 21.45 -12.82
C PHE A 46 4.82 20.72 -14.15
N VAL A 47 5.72 21.05 -15.08
CA VAL A 47 5.80 20.30 -16.34
C VAL A 47 6.16 18.85 -16.06
N GLY A 48 7.07 18.61 -15.12
CA GLY A 48 7.44 17.24 -14.79
C GLY A 48 6.29 16.42 -14.29
N ILE A 49 5.48 16.99 -13.39
CA ILE A 49 4.28 16.29 -12.93
C ILE A 49 3.30 16.11 -14.08
N ALA A 50 3.15 17.15 -14.92
CA ALA A 50 2.21 17.07 -16.03
C ALA A 50 2.63 15.99 -17.03
N ILE A 51 3.91 15.93 -17.38
CA ILE A 51 4.38 14.92 -18.32
C ILE A 51 4.65 13.58 -17.64
N GLY A 52 4.83 13.56 -16.32
CA GLY A 52 4.99 12.32 -15.61
C GLY A 52 3.70 11.57 -15.34
N LEU A 53 2.56 12.26 -15.42
CA LEU A 53 1.26 11.66 -15.19
C LEU A 53 0.39 11.62 -16.43
N VAL A 54 0.86 12.16 -17.56
CA VAL A 54 0.04 12.21 -18.77
C VAL A 54 -0.24 10.81 -19.29
N HIS A 55 0.71 9.89 -19.17
CA HIS A 55 0.57 8.53 -19.64
C HIS A 55 0.33 7.54 -18.51
N PHE A 56 -0.10 8.02 -17.35
CA PHE A 56 -0.38 7.14 -16.23
C PHE A 56 -1.65 6.35 -16.49
N ASN A 57 -1.59 5.04 -16.25
CA ASN A 57 -2.73 4.16 -16.42
C ASN A 57 -3.06 3.51 -15.08
N ALA A 58 -4.32 3.60 -14.66
CA ALA A 58 -4.73 2.99 -13.41
C ALA A 58 -4.61 1.47 -13.47
N ASP A 59 -5.00 0.88 -14.61
CA ASP A 59 -4.91 -0.57 -14.76
C ASP A 59 -3.46 -1.04 -14.76
N ASN A 60 -2.57 -0.31 -15.42
CA ASN A 60 -1.16 -0.67 -15.55
C ASN A 60 -0.30 0.42 -14.91
N VAL A 61 0.05 0.22 -13.64
CA VAL A 61 0.95 1.14 -12.96
C VAL A 61 2.42 0.75 -13.14
N ASP A 62 2.70 -0.51 -13.45
CA ASP A 62 4.08 -0.95 -13.65
C ASP A 62 4.72 -0.24 -14.83
N ASP A 63 3.97 -0.08 -15.93
CA ASP A 63 4.52 0.52 -17.13
C ASP A 63 4.56 2.04 -17.08
N SER A 64 3.95 2.66 -16.08
CA SER A 64 3.94 4.10 -15.94
C SER A 64 5.13 4.63 -15.16
N LEU A 65 5.94 3.75 -14.56
CA LEU A 65 7.10 4.21 -13.80
C LEU A 65 8.14 4.92 -14.66
N PRO A 66 8.57 4.38 -15.82
CA PRO A 66 9.55 5.12 -16.62
C PRO A 66 9.09 6.49 -17.05
N THR A 67 7.81 6.65 -17.38
CA THR A 67 7.29 7.97 -17.73
C THR A 67 7.23 8.88 -16.52
N LEU A 68 6.85 8.34 -15.36
CA LEU A 68 6.80 9.15 -14.15
C LEU A 68 8.20 9.45 -13.63
N LEU A 69 9.15 8.54 -13.83
CA LEU A 69 10.54 8.82 -13.48
C LEU A 69 11.13 9.90 -14.36
N ASN A 70 10.62 10.05 -15.58
CA ASN A 70 11.05 11.14 -16.44
C ASN A 70 10.64 12.49 -15.86
N GLY A 71 9.41 12.57 -15.33
CA GLY A 71 8.95 13.82 -14.75
C GLY A 71 9.71 14.20 -13.49
N ILE A 72 9.99 13.22 -12.62
CA ILE A 72 10.74 13.53 -11.41
C ILE A 72 12.17 13.94 -11.75
N LYS A 73 12.75 13.36 -12.80
CA LYS A 73 14.08 13.78 -13.25
C LYS A 73 14.03 15.21 -13.77
N THR A 74 13.02 15.55 -14.57
CA THR A 74 12.88 16.90 -15.08
C THR A 74 12.64 17.89 -13.94
N ALA A 75 11.79 17.53 -12.98
CA ALA A 75 11.47 18.43 -11.88
C ALA A 75 12.69 18.71 -11.01
N PHE A 76 13.49 17.69 -10.73
CA PHE A 76 14.58 17.85 -9.78
C PHE A 76 15.83 18.43 -10.43
N TRP A 77 16.12 18.06 -11.67
CA TRP A 77 17.29 18.60 -12.35
C TRP A 77 17.12 20.08 -12.65
N ALA A 78 15.94 20.49 -13.10
CA ALA A 78 15.72 21.90 -13.44
C ALA A 78 15.60 22.76 -12.19
N SER A 79 14.90 22.26 -11.16
CA SER A 79 14.78 23.02 -9.92
C SER A 79 16.12 23.19 -9.24
N ALA A 80 16.96 22.15 -9.25
CA ALA A 80 18.31 22.29 -8.72
C ALA A 80 19.13 23.27 -9.54
N THR A 81 18.97 23.26 -10.86
CA THR A 81 19.69 24.19 -11.72
C THR A 81 19.28 25.63 -11.45
N GLY A 82 17.98 25.87 -11.28
CA GLY A 82 17.52 27.22 -11.00
C GLY A 82 17.96 27.70 -9.62
N VAL A 83 17.94 26.81 -8.63
CA VAL A 83 18.37 27.18 -7.29
C VAL A 83 19.88 27.40 -7.24
N PHE A 84 20.64 26.56 -7.96
CA PHE A 84 22.09 26.69 -7.97
C PHE A 84 22.53 28.02 -8.58
N PHE A 85 21.93 28.39 -9.70
CA PHE A 85 22.32 29.63 -10.37
C PHE A 85 21.77 30.86 -9.66
N ALA A 86 20.65 30.73 -8.96
CA ALA A 86 20.22 31.80 -8.07
C ALA A 86 21.18 31.98 -6.90
N LEU A 87 21.75 30.88 -6.42
CA LEU A 87 22.76 30.96 -5.36
C LEU A 87 24.00 31.72 -5.84
N ILE A 88 24.43 31.46 -7.07
CA ILE A 88 25.63 32.11 -7.59
C ILE A 88 25.43 33.62 -7.67
N ILE A 89 24.26 34.05 -8.16
CA ILE A 89 23.97 35.48 -8.22
C ILE A 89 23.86 36.08 -6.83
N LYS A 90 23.26 35.34 -5.89
CA LYS A 90 23.22 35.79 -4.51
C LYS A 90 24.63 35.87 -3.92
N ILE A 91 25.48 34.89 -4.21
CA ILE A 91 26.86 34.91 -3.74
C ILE A 91 27.61 36.08 -4.34
N LEU A 92 27.41 36.34 -5.63
CA LEU A 92 28.06 37.48 -6.27
C LEU A 92 27.56 38.80 -5.69
N ASP A 93 26.33 38.83 -5.18
CA ASP A 93 25.85 40.03 -4.51
C ASP A 93 26.60 40.28 -3.21
N ILE A 94 27.01 39.21 -2.52
CA ILE A 94 27.84 39.36 -1.33
C ILE A 94 29.18 39.98 -1.69
N PHE A 95 29.78 39.52 -2.79
CA PHE A 95 31.08 40.04 -3.20
C PHE A 95 31.03 41.54 -3.48
N ASP A 96 29.94 42.01 -4.08
CA ASP A 96 29.78 43.44 -4.31
C ASP A 96 29.68 44.19 -2.99
N LEU A 97 28.97 43.64 -2.02
CA LEU A 97 28.83 44.30 -0.72
C LEU A 97 30.15 44.30 0.04
N THR A 98 30.91 43.21 -0.03
CA THR A 98 32.17 43.12 0.69
C THR A 98 33.32 43.80 -0.05
N ARG A 99 33.13 44.19 -1.30
CA ARG A 99 34.18 44.87 -2.06
C ARG A 99 33.70 46.25 -2.50
N HIS B 10 16.91 40.83 -0.13
CA HIS B 10 16.92 42.23 0.29
C HIS B 10 15.54 42.67 0.78
N HIS B 11 14.96 43.67 0.11
CA HIS B 11 13.63 44.13 0.48
C HIS B 11 12.60 43.02 0.31
N LYS B 12 12.68 42.26 -0.77
CA LYS B 12 11.81 41.13 -1.02
C LYS B 12 12.60 39.84 -0.79
N GLU B 13 12.04 38.94 0.01
CA GLU B 13 12.67 37.66 0.31
C GLU B 13 12.24 36.64 -0.74
N ASP B 14 13.14 36.29 -1.64
CA ASP B 14 12.85 35.37 -2.72
C ASP B 14 13.12 33.91 -2.34
N TYR B 15 13.48 33.64 -1.09
CA TYR B 15 13.62 32.26 -0.66
C TYR B 15 12.28 31.54 -0.53
N TRP B 16 11.18 32.30 -0.49
CA TRP B 16 9.86 31.67 -0.54
C TRP B 16 9.60 31.02 -1.88
N ILE B 17 10.20 31.56 -2.95
CA ILE B 17 10.11 30.93 -4.26
C ILE B 17 10.83 29.58 -4.25
N SER B 18 12.01 29.52 -3.62
CA SER B 18 12.72 28.26 -3.51
C SER B 18 12.02 27.31 -2.55
N LEU B 19 11.38 27.84 -1.50
CA LEU B 19 10.60 26.98 -0.61
C LEU B 19 9.42 26.37 -1.34
N SER B 20 8.73 27.16 -2.18
CA SER B 20 7.65 26.61 -3.00
C SER B 20 8.19 25.59 -4.00
N ASP B 21 9.37 25.85 -4.55
CA ASP B 21 10.01 24.89 -5.45
C ASP B 21 10.31 23.58 -4.75
N MET B 22 10.86 23.66 -3.53
CA MET B 22 11.16 22.45 -2.77
C MET B 22 9.89 21.70 -2.40
N MET B 23 8.85 22.41 -1.97
CA MET B 23 7.61 21.76 -1.56
C MET B 23 6.94 21.08 -2.75
N THR B 24 6.95 21.72 -3.92
CA THR B 24 6.35 21.13 -5.10
C THR B 24 7.11 19.89 -5.55
N SER B 25 8.44 19.95 -5.54
CA SER B 25 9.24 18.80 -5.95
C SER B 25 9.07 17.63 -5.00
N LEU B 26 9.05 17.90 -3.69
CA LEU B 26 8.80 16.84 -2.72
C LEU B 26 7.36 16.34 -2.79
N MET B 27 6.44 17.17 -3.27
CA MET B 27 5.05 16.74 -3.41
C MET B 27 4.92 15.58 -4.39
N MET B 28 5.64 15.63 -5.50
CA MET B 28 5.64 14.54 -6.45
C MET B 28 6.65 13.45 -6.12
N LEU B 29 7.65 13.76 -5.28
CA LEU B 29 8.56 12.72 -4.82
C LEU B 29 7.84 11.69 -3.96
N PHE B 30 6.97 12.16 -3.06
CA PHE B 30 6.14 11.24 -2.28
C PHE B 30 5.08 10.58 -3.15
N LEU B 31 4.60 11.29 -4.17
CA LEU B 31 3.73 10.67 -5.16
C LEU B 31 4.47 9.57 -5.91
N LEU B 32 5.73 9.83 -6.26
CA LEU B 32 6.56 8.78 -6.87
C LEU B 32 6.77 7.61 -5.93
N ILE B 33 7.02 7.90 -4.65
CA ILE B 33 7.28 6.85 -3.67
C ILE B 33 6.06 5.94 -3.53
N SER B 34 4.86 6.53 -3.50
CA SER B 34 3.64 5.72 -3.43
C SER B 34 3.50 4.84 -4.67
N VAL B 35 3.80 5.39 -5.85
CA VAL B 35 3.73 4.60 -7.08
C VAL B 35 4.76 3.48 -7.05
N ILE B 36 5.98 3.79 -6.60
CA ILE B 36 7.02 2.77 -6.53
C ILE B 36 6.63 1.68 -5.53
N TYR B 37 6.00 2.07 -4.43
CA TYR B 37 5.59 1.08 -3.43
C TYR B 37 4.54 0.12 -3.99
N MET B 38 3.68 0.62 -4.90
CA MET B 38 2.73 -0.28 -5.55
C MET B 38 3.45 -1.36 -6.33
N ILE B 39 4.48 -0.98 -7.09
CA ILE B 39 5.22 -1.95 -7.90
C ILE B 39 6.00 -2.90 -7.01
N LYS B 40 6.56 -2.38 -5.90
CA LYS B 40 7.33 -3.23 -5.00
C LYS B 40 6.47 -4.33 -4.40
N VAL B 41 5.25 -3.99 -3.98
CA VAL B 41 4.31 -4.97 -3.42
C VAL B 41 3.02 -4.87 -4.23
N GLN B 42 2.94 -5.67 -5.29
CA GLN B 42 1.72 -5.77 -6.08
C GLN B 42 1.23 -7.21 -6.21
N ASP B 43 2.13 -8.17 -6.34
CA ASP B 43 1.72 -9.57 -6.33
C ASP B 43 1.15 -9.96 -4.97
N SER B 44 1.75 -9.46 -3.89
CA SER B 44 1.21 -9.71 -2.56
C SER B 44 -0.19 -9.10 -2.42
N VAL B 45 -0.39 -7.90 -2.95
CA VAL B 45 -1.70 -7.25 -2.89
C VAL B 45 -2.69 -7.98 -3.79
N LYS B 46 -2.23 -8.56 -4.90
CA LYS B 46 -3.13 -9.24 -5.82
C LYS B 46 -3.66 -10.56 -5.27
N VAL B 47 -2.98 -11.15 -4.29
CA VAL B 47 -3.44 -12.44 -3.75
C VAL B 47 -4.80 -12.34 -3.08
N PRO B 48 -5.06 -11.40 -2.16
CA PRO B 48 -6.39 -11.33 -1.55
C PRO B 48 -7.52 -11.07 -2.54
N GLN B 49 -7.29 -10.26 -3.58
CA GLN B 49 -8.35 -9.99 -4.53
C GLN B 49 -8.56 -11.17 -5.48
N ILE B 50 -7.49 -11.89 -5.84
CA ILE B 50 -7.64 -13.10 -6.64
C ILE B 50 -8.45 -14.14 -5.88
N TYR B 51 -8.14 -14.32 -4.60
CA TYR B 51 -8.96 -15.20 -3.76
C TYR B 51 -10.38 -14.67 -3.63
N LYS B 52 -10.53 -13.35 -3.49
CA LYS B 52 -11.85 -12.77 -3.31
C LYS B 52 -12.73 -13.00 -4.53
N GLU B 53 -12.18 -12.83 -5.73
CA GLU B 53 -12.99 -12.95 -6.93
C GLU B 53 -13.31 -14.40 -7.28
N THR B 54 -12.39 -15.33 -7.01
CA THR B 54 -12.64 -16.73 -7.35
C THR B 54 -13.59 -17.41 -6.36
N THR B 55 -13.55 -17.03 -5.09
CA THR B 55 -14.44 -17.65 -4.12
C THR B 55 -15.87 -17.18 -4.30
N GLN B 56 -16.08 -15.88 -4.49
CA GLN B 56 -17.42 -15.38 -4.79
C GLN B 56 -17.86 -15.78 -6.20
N GLY B 57 -16.92 -15.91 -7.12
CA GLY B 57 -17.27 -16.38 -8.46
C GLY B 57 -17.83 -17.78 -8.45
N LEU B 58 -17.16 -18.69 -7.73
CA LEU B 58 -17.71 -20.03 -7.55
C LEU B 58 -18.97 -20.00 -6.71
N ASN B 59 -19.01 -19.16 -5.67
CA ASN B 59 -20.21 -19.07 -4.85
C ASN B 59 -21.39 -18.54 -5.66
N HIS B 60 -21.17 -17.50 -6.47
CA HIS B 60 -22.24 -16.99 -7.32
C HIS B 60 -22.65 -18.01 -8.37
N ALA B 61 -21.67 -18.67 -8.99
CA ALA B 61 -21.98 -19.67 -10.01
C ALA B 61 -22.73 -20.85 -9.42
N LEU B 62 -22.33 -21.30 -8.22
CA LEU B 62 -23.06 -22.38 -7.57
C LEU B 62 -24.49 -21.98 -7.25
N LYS B 63 -24.68 -20.74 -6.76
CA LYS B 63 -26.03 -20.25 -6.53
C LYS B 63 -26.79 -20.08 -7.84
N LYS B 64 -26.13 -19.52 -8.86
CA LYS B 64 -26.78 -19.32 -10.14
C LYS B 64 -27.21 -20.63 -10.80
N GLU B 65 -26.65 -21.75 -10.36
CA GLU B 65 -26.92 -23.04 -11.00
C GLU B 65 -27.72 -24.01 -10.16
N PHE B 66 -27.80 -23.83 -8.84
CA PHE B 66 -28.36 -24.86 -7.98
C PHE B 66 -29.39 -24.36 -6.97
N ASP B 67 -29.82 -23.09 -7.04
CA ASP B 67 -30.83 -22.62 -6.10
C ASP B 67 -32.14 -23.40 -6.26
N LYS B 68 -32.55 -23.67 -7.49
CA LYS B 68 -33.81 -24.36 -7.74
C LYS B 68 -33.75 -25.85 -7.43
N ASP B 69 -32.57 -26.40 -7.16
CA ASP B 69 -32.41 -27.83 -6.97
C ASP B 69 -32.01 -28.23 -5.55
N LEU B 70 -31.75 -27.26 -4.67
CA LEU B 70 -31.35 -27.60 -3.31
C LEU B 70 -32.50 -28.26 -2.54
N MET B 71 -33.73 -27.80 -2.77
CA MET B 71 -34.87 -28.35 -2.05
C MET B 71 -35.07 -29.84 -2.35
N LYS B 72 -34.95 -30.22 -3.62
CA LYS B 72 -35.12 -31.62 -3.99
C LYS B 72 -33.98 -32.48 -3.44
N TRP B 73 -32.74 -32.02 -3.60
CA TRP B 73 -31.59 -32.79 -3.15
C TRP B 73 -31.40 -32.73 -1.64
N GLY B 74 -31.79 -31.61 -1.01
CA GLY B 74 -31.50 -31.38 0.38
C GLY B 74 -30.16 -30.74 0.65
N ALA B 75 -29.38 -30.47 -0.39
CA ALA B 75 -28.07 -29.87 -0.22
C ALA B 75 -28.17 -28.38 0.09
N VAL B 76 -27.10 -27.83 0.65
CA VAL B 76 -26.99 -26.40 0.92
C VAL B 76 -25.55 -25.97 0.63
N ILE B 77 -25.41 -24.81 0.01
CA ILE B 77 -24.10 -24.16 -0.14
C ILE B 77 -23.85 -23.33 1.10
N ASP B 78 -22.71 -23.55 1.75
CA ASP B 78 -22.40 -22.96 3.05
C ASP B 78 -21.24 -21.97 2.94
N LYS B 79 -21.24 -21.15 1.89
CA LYS B 79 -20.28 -20.04 1.67
C LYS B 79 -18.82 -20.49 1.82
N ASP B 80 -18.57 -21.79 1.79
CA ASP B 80 -17.23 -22.35 1.87
C ASP B 80 -16.89 -23.17 0.63
N LEU B 81 -17.55 -22.83 -0.49
CA LEU B 81 -17.37 -23.53 -1.76
C LEU B 81 -17.75 -25.01 -1.67
N THR B 82 -18.63 -25.36 -0.73
CA THR B 82 -19.02 -26.74 -0.50
C THR B 82 -20.51 -26.92 -0.76
N VAL B 83 -20.86 -28.11 -1.21
CA VAL B 83 -22.25 -28.51 -1.42
C VAL B 83 -22.53 -29.63 -0.44
N ARG B 84 -23.14 -29.29 0.69
CA ARG B 84 -23.34 -30.22 1.81
C ARG B 84 -24.69 -30.90 1.67
N PHE B 85 -24.67 -32.19 1.37
CA PHE B 85 -25.90 -32.97 1.18
C PHE B 85 -26.37 -33.51 2.53
N GLN B 86 -27.51 -33.00 3.00
CA GLN B 86 -28.09 -33.47 4.25
C GLN B 86 -28.85 -34.78 4.03
N GLN B 87 -29.43 -35.28 5.13
CA GLN B 87 -30.28 -36.46 5.15
C GLN B 87 -29.62 -37.69 4.53
N PRO B 88 -28.58 -38.25 5.15
CA PRO B 88 -28.05 -39.54 4.68
C PRO B 88 -28.95 -40.70 5.07
N ASP B 89 -28.47 -41.93 4.84
CA ASP B 89 -29.20 -43.17 5.06
C ASP B 89 -30.26 -43.36 3.98
N ILE B 90 -30.44 -42.33 3.15
CA ILE B 90 -31.19 -42.47 1.91
C ILE B 90 -30.29 -42.29 0.69
N LEU B 91 -29.08 -41.76 0.86
CA LEU B 91 -28.10 -41.67 -0.20
C LEU B 91 -27.15 -42.86 -0.21
N PHE B 92 -27.03 -43.57 0.91
CA PHE B 92 -26.17 -44.73 1.02
C PHE B 92 -26.93 -45.85 1.72
N ALA B 93 -26.46 -47.08 1.53
CA ALA B 93 -27.12 -48.24 2.10
C ALA B 93 -27.02 -48.22 3.63
N THR B 94 -27.84 -49.07 4.26
CA THR B 94 -27.90 -49.14 5.72
C THR B 94 -26.61 -49.78 6.24
N GLY B 95 -25.71 -48.95 6.74
CA GLY B 95 -24.43 -49.44 7.23
C GLY B 95 -23.55 -50.05 6.16
N SER B 96 -23.60 -49.52 4.95
CA SER B 96 -22.82 -50.04 3.84
C SER B 96 -22.50 -48.91 2.87
N SER B 97 -21.46 -49.13 2.06
CA SER B 97 -21.04 -48.13 1.08
C SER B 97 -21.84 -48.18 -0.22
N ALA B 98 -22.73 -49.16 -0.37
CA ALA B 98 -23.51 -49.29 -1.59
C ALA B 98 -24.40 -48.06 -1.78
N LEU B 99 -24.40 -47.52 -3.00
CA LEU B 99 -25.18 -46.33 -3.30
C LEU B 99 -26.64 -46.69 -3.52
N THR B 100 -27.53 -46.00 -2.81
CA THR B 100 -28.95 -46.18 -3.03
C THR B 100 -29.34 -45.54 -4.36
N PRO B 101 -30.44 -46.00 -4.96
CA PRO B 101 -30.89 -45.39 -6.23
C PRO B 101 -31.11 -43.89 -6.11
N ARG B 102 -31.60 -43.40 -4.97
CA ARG B 102 -32.00 -42.01 -4.85
C ARG B 102 -30.82 -41.07 -5.07
N PHE B 103 -29.65 -41.40 -4.50
CA PHE B 103 -28.48 -40.56 -4.68
C PHE B 103 -27.92 -40.64 -6.09
N LYS B 104 -28.24 -41.69 -6.84
CA LYS B 104 -27.72 -41.81 -8.20
C LYS B 104 -28.29 -40.73 -9.10
N GLU B 105 -29.62 -40.55 -9.10
CA GLU B 105 -30.21 -39.50 -9.93
C GLU B 105 -29.73 -38.11 -9.50
N ILE B 106 -29.40 -37.95 -8.22
CA ILE B 106 -28.72 -36.73 -7.79
C ILE B 106 -27.37 -36.61 -8.48
N LEU B 107 -26.60 -37.71 -8.47
CA LEU B 107 -25.27 -37.69 -9.07
C LEU B 107 -25.32 -37.47 -10.57
N ASP B 108 -26.30 -38.07 -11.25
CA ASP B 108 -26.44 -37.86 -12.70
C ASP B 108 -26.77 -36.40 -13.01
N ASP B 109 -27.61 -35.77 -12.19
CA ASP B 109 -28.07 -34.43 -12.49
C ASP B 109 -27.07 -33.39 -11.97
N PHE B 110 -26.63 -33.54 -10.73
CA PHE B 110 -25.84 -32.50 -10.08
C PHE B 110 -24.45 -32.39 -10.70
N PHE B 111 -23.77 -33.53 -10.89
CA PHE B 111 -22.34 -33.49 -11.20
C PHE B 111 -22.06 -32.94 -12.59
N ILE B 112 -22.88 -33.28 -13.59
CA ILE B 112 -22.59 -32.88 -14.95
C ILE B 112 -22.56 -31.36 -15.07
N ARG B 113 -23.52 -30.69 -14.43
CA ARG B 113 -23.57 -29.24 -14.38
C ARG B 113 -22.74 -28.67 -13.25
N TYR B 114 -22.18 -29.53 -12.38
CA TYR B 114 -21.23 -29.08 -11.36
C TYR B 114 -19.82 -29.02 -11.91
N LEU B 115 -19.42 -30.04 -12.68
CA LEU B 115 -18.08 -30.05 -13.25
C LEU B 115 -17.90 -28.95 -14.30
N LYS B 116 -18.99 -28.53 -14.93
CA LYS B 116 -18.89 -27.46 -15.93
C LYS B 116 -18.40 -26.17 -15.30
N ILE B 117 -18.89 -25.84 -14.09
CA ILE B 117 -18.39 -24.68 -13.37
C ILE B 117 -16.93 -24.88 -13.00
N MET B 118 -16.58 -26.06 -12.49
CA MET B 118 -15.20 -26.34 -12.12
C MET B 118 -14.29 -26.34 -13.34
N MET B 119 -14.73 -26.97 -14.44
CA MET B 119 -13.96 -27.00 -15.68
C MET B 119 -14.38 -25.86 -16.61
N SER B 120 -14.18 -24.64 -16.12
CA SER B 120 -14.48 -23.44 -16.88
C SER B 120 -13.24 -22.57 -16.95
N LYS B 121 -13.20 -21.69 -17.95
CA LYS B 121 -12.04 -20.84 -18.19
C LYS B 121 -11.62 -20.03 -16.97
N PRO B 122 -12.51 -19.35 -16.24
CA PRO B 122 -12.06 -18.60 -15.06
C PRO B 122 -11.81 -19.47 -13.83
N PHE B 123 -12.13 -20.76 -13.87
CA PHE B 123 -12.02 -21.62 -12.70
C PHE B 123 -11.18 -22.86 -12.89
N ILE B 124 -10.86 -23.26 -14.12
CA ILE B 124 -10.09 -24.48 -14.31
C ILE B 124 -8.67 -24.34 -13.76
N ASN B 125 -8.10 -23.14 -13.83
CA ASN B 125 -6.73 -22.89 -13.37
C ASN B 125 -6.69 -22.25 -11.99
N ASN B 126 -7.83 -22.19 -11.30
CA ASN B 126 -7.91 -21.59 -9.98
C ASN B 126 -8.24 -22.61 -8.90
N ILE B 127 -8.17 -23.90 -9.19
CA ILE B 127 -8.57 -24.95 -8.28
C ILE B 127 -7.45 -25.97 -8.14
N GLU B 128 -7.09 -26.29 -6.90
CA GLU B 128 -6.17 -27.39 -6.62
C GLU B 128 -6.89 -28.71 -6.37
N GLU B 129 -8.02 -28.67 -5.66
CA GLU B 129 -8.61 -29.90 -5.14
C GLU B 129 -10.11 -29.75 -5.04
N ILE B 130 -10.83 -30.76 -5.48
CA ILE B 130 -12.25 -30.92 -5.19
C ILE B 130 -12.37 -32.05 -4.17
N ARG B 131 -12.78 -31.69 -2.96
CA ARG B 131 -12.75 -32.62 -1.83
C ARG B 131 -14.15 -33.20 -1.62
N ILE B 132 -14.33 -34.45 -2.00
CA ILE B 132 -15.51 -35.21 -1.59
C ILE B 132 -15.26 -35.72 -0.18
N GLU B 133 -16.07 -35.26 0.76
CA GLU B 133 -15.84 -35.51 2.18
C GLU B 133 -17.05 -36.22 2.78
N GLY B 134 -16.78 -37.35 3.43
CA GLY B 134 -17.83 -38.10 4.10
C GLY B 134 -17.70 -38.02 5.61
N HIS B 135 -18.62 -37.31 6.26
CA HIS B 135 -18.61 -37.14 7.70
C HIS B 135 -19.65 -38.03 8.35
N THR B 136 -19.36 -38.45 9.58
CA THR B 136 -20.19 -39.41 10.29
C THR B 136 -20.42 -38.93 11.72
N SER B 137 -21.61 -39.21 12.24
CA SER B 137 -21.93 -38.85 13.62
C SER B 137 -21.11 -39.67 14.60
N SER B 138 -20.99 -39.16 15.82
CA SER B 138 -20.15 -39.81 16.83
C SER B 138 -20.70 -41.16 17.24
N MET B 139 -22.02 -41.28 17.36
CA MET B 139 -22.63 -42.50 17.87
C MET B 139 -22.61 -43.59 16.81
N TRP B 140 -21.77 -44.59 17.01
CA TRP B 140 -21.76 -45.76 16.14
C TRP B 140 -22.98 -46.63 16.42
N GLU B 141 -23.39 -47.39 15.41
CA GLU B 141 -24.58 -48.23 15.52
C GLU B 141 -24.43 -49.30 16.60
N GLY B 142 -23.20 -49.73 16.89
CA GLY B 142 -22.98 -50.79 17.85
C GLY B 142 -22.27 -50.33 19.12
N GLU B 143 -20.98 -50.59 19.19
CA GLU B 143 -20.20 -50.30 20.39
C GLU B 143 -20.14 -48.80 20.66
N SER B 144 -19.96 -48.46 21.94
CA SER B 144 -19.93 -47.07 22.39
C SER B 144 -18.52 -46.59 22.71
N ASP B 145 -17.49 -47.22 22.14
CA ASP B 145 -16.12 -46.79 22.38
C ASP B 145 -15.85 -45.45 21.69
N ARG B 146 -14.77 -44.80 22.12
CA ARG B 146 -14.40 -43.49 21.59
C ARG B 146 -13.27 -43.55 20.57
N GLY B 147 -12.39 -44.54 20.67
CA GLY B 147 -11.26 -44.61 19.76
C GLY B 147 -11.42 -45.62 18.65
N LYS B 148 -11.86 -46.83 18.99
CA LYS B 148 -12.05 -47.87 17.99
C LYS B 148 -13.30 -47.63 17.14
N ALA B 149 -14.31 -46.95 17.69
CA ALA B 149 -15.47 -46.55 16.90
C ALA B 149 -15.18 -45.38 15.98
N TYR B 150 -14.20 -44.53 16.34
CA TYR B 150 -13.78 -43.46 15.46
C TYR B 150 -13.21 -44.00 14.16
N PHE B 151 -12.37 -45.04 14.24
CA PHE B 151 -11.80 -45.63 13.05
C PHE B 151 -12.74 -46.61 12.37
N LYS B 152 -13.79 -47.06 13.06
CA LYS B 152 -14.82 -47.83 12.39
C LYS B 152 -15.69 -46.94 11.51
N ASN B 153 -15.94 -45.70 11.96
CA ASN B 153 -16.61 -44.73 11.12
C ASN B 153 -15.75 -44.35 9.92
N MET B 154 -14.43 -44.22 10.13
CA MET B 154 -13.54 -43.83 9.04
C MET B 154 -13.52 -44.89 7.93
N THR B 155 -13.51 -46.17 8.31
CA THR B 155 -13.57 -47.24 7.32
C THR B 155 -14.88 -47.17 6.53
N LEU B 156 -15.99 -46.92 7.23
CA LEU B 156 -17.27 -46.79 6.54
C LEU B 156 -17.33 -45.53 5.69
N SER B 157 -16.92 -44.39 6.27
CA SER B 157 -17.00 -43.13 5.55
C SER B 157 -16.09 -43.09 4.33
N GLN B 158 -14.90 -43.68 4.46
CA GLN B 158 -13.98 -43.73 3.32
C GLN B 158 -14.58 -44.53 2.16
N GLU B 159 -15.20 -45.67 2.46
CA GLU B 159 -15.83 -46.47 1.42
C GLU B 159 -17.05 -45.76 0.85
N ARG B 160 -17.84 -45.11 1.71
CA ARG B 160 -19.00 -44.36 1.23
C ARG B 160 -18.58 -43.19 0.33
N THR B 161 -17.52 -42.49 0.71
CA THR B 161 -17.02 -41.40 -0.13
C THR B 161 -16.41 -41.94 -1.43
N ARG B 162 -15.68 -43.05 -1.34
CA ARG B 162 -15.08 -43.64 -2.54
C ARG B 162 -16.14 -44.21 -3.47
N ALA B 163 -17.18 -44.83 -2.91
CA ALA B 163 -18.26 -45.34 -3.74
C ALA B 163 -18.96 -44.22 -4.49
N THR B 164 -19.07 -43.04 -3.87
CA THR B 164 -19.56 -41.88 -4.59
C THR B 164 -18.63 -41.52 -5.73
N LEU B 165 -17.32 -41.57 -5.50
CA LEU B 165 -16.34 -41.28 -6.54
C LEU B 165 -16.33 -42.38 -7.60
N GLU B 166 -16.63 -43.62 -7.21
CA GLU B 166 -16.66 -44.71 -8.19
C GLU B 166 -17.76 -44.49 -9.22
N TYR B 167 -18.95 -44.09 -8.77
CA TYR B 167 -20.07 -43.90 -9.68
C TYR B 167 -20.07 -42.51 -10.32
N ILE B 168 -19.25 -41.58 -9.83
CA ILE B 168 -19.36 -40.20 -10.29
C ILE B 168 -18.82 -40.02 -11.71
N MET B 169 -17.99 -40.95 -12.18
CA MET B 169 -17.51 -40.89 -13.56
C MET B 169 -17.59 -42.22 -14.32
N THR B 170 -17.85 -43.33 -13.65
CA THR B 170 -18.05 -44.60 -14.33
C THR B 170 -19.51 -44.86 -14.67
N SER B 171 -20.40 -43.93 -14.36
CA SER B 171 -21.82 -44.10 -14.67
C SER B 171 -22.06 -43.89 -16.16
N ASP B 172 -22.95 -44.71 -16.72
CA ASP B 172 -23.32 -44.55 -18.13
C ASP B 172 -24.01 -43.22 -18.37
N LYS B 173 -24.91 -42.83 -17.47
CA LYS B 173 -25.62 -41.56 -17.63
C LYS B 173 -24.67 -40.37 -17.50
N ILE B 174 -23.73 -40.44 -16.55
CA ILE B 174 -22.74 -39.38 -16.36
C ILE B 174 -21.59 -39.71 -17.31
N ASN B 175 -21.72 -39.27 -18.55
CA ASN B 175 -20.75 -39.61 -19.60
C ASN B 175 -19.57 -38.65 -19.51
N LEU B 176 -18.49 -39.11 -18.87
CA LEU B 176 -17.27 -38.32 -18.78
C LEU B 176 -16.37 -38.60 -19.98
N THR B 177 -15.83 -37.53 -20.56
CA THR B 177 -14.94 -37.64 -21.70
C THR B 177 -13.51 -37.92 -21.21
N GLY B 178 -12.60 -38.14 -22.16
CA GLY B 178 -11.22 -38.40 -21.80
C GLY B 178 -10.55 -37.20 -21.15
N GLU B 179 -10.80 -36.00 -21.68
CA GLU B 179 -10.22 -34.79 -21.10
C GLU B 179 -10.87 -34.41 -19.78
N GLN B 180 -12.05 -34.93 -19.46
CA GLN B 180 -12.72 -34.65 -18.22
C GLN B 180 -12.38 -35.64 -17.11
N LYS B 181 -12.24 -36.92 -17.44
CA LYS B 181 -11.86 -37.91 -16.43
C LYS B 181 -10.48 -37.62 -15.87
N GLU B 182 -9.50 -37.35 -16.76
CA GLU B 182 -8.14 -37.09 -16.31
C GLU B 182 -8.04 -35.87 -15.43
N TRP B 183 -9.00 -34.93 -15.54
CA TRP B 183 -9.06 -33.82 -14.61
C TRP B 183 -9.53 -34.27 -13.23
N LEU B 184 -10.35 -35.31 -13.18
CA LEU B 184 -10.82 -35.80 -11.89
C LEU B 184 -9.73 -36.54 -11.12
N MET B 185 -8.97 -37.41 -11.81
CA MET B 185 -7.88 -38.10 -11.13
C MET B 185 -6.80 -37.14 -10.64
N ARG B 186 -6.75 -35.93 -11.19
CA ARG B 186 -5.76 -34.93 -10.79
C ARG B 186 -6.28 -33.95 -9.74
N HIS B 187 -7.59 -33.70 -9.69
CA HIS B 187 -8.14 -32.65 -8.85
C HIS B 187 -9.20 -33.12 -7.86
N PHE B 188 -9.52 -34.41 -7.83
CA PHE B 188 -10.57 -34.92 -6.95
C PHE B 188 -9.96 -35.82 -5.89
N SER B 189 -10.42 -35.65 -4.64
CA SER B 189 -9.97 -36.45 -3.52
C SER B 189 -11.17 -37.01 -2.79
N ALA B 190 -11.16 -38.31 -2.52
CA ALA B 190 -12.19 -38.97 -1.73
C ALA B 190 -11.67 -39.09 -0.31
N ILE B 191 -12.04 -38.14 0.54
CA ILE B 191 -11.55 -38.07 1.92
C ILE B 191 -12.67 -38.53 2.84
N GLY B 192 -12.43 -39.61 3.57
CA GLY B 192 -13.40 -40.11 4.52
C GLY B 192 -13.14 -39.60 5.92
N PHE B 193 -13.88 -38.57 6.32
CA PHE B 193 -13.75 -38.02 7.66
C PHE B 193 -14.55 -38.86 8.66
N SER B 194 -14.60 -38.40 9.89
CA SER B 194 -15.24 -39.15 10.97
C SER B 194 -15.79 -38.17 11.98
N SER B 195 -16.01 -38.64 13.21
CA SER B 195 -16.54 -37.81 14.29
C SER B 195 -15.71 -36.57 14.55
N GLY B 196 -14.49 -36.50 14.02
CA GLY B 196 -13.62 -35.38 14.28
C GLY B 196 -14.12 -34.06 13.74
N HIS B 197 -15.09 -34.08 12.83
CA HIS B 197 -15.66 -32.87 12.24
C HIS B 197 -17.17 -32.93 12.37
N PRO B 198 -17.71 -32.66 13.55
CA PRO B 198 -19.16 -32.69 13.75
C PRO B 198 -19.80 -31.32 13.54
N LEU B 199 -21.11 -31.34 13.35
CA LEU B 199 -21.91 -30.14 13.18
C LEU B 199 -22.90 -30.02 14.33
N THR B 200 -23.00 -28.82 14.89
CA THR B 200 -23.90 -28.56 15.99
C THR B 200 -25.33 -28.37 15.46
N ASN B 201 -26.26 -28.12 16.39
CA ASN B 201 -27.65 -27.90 16.00
C ASN B 201 -27.81 -26.65 15.16
N LYS B 202 -26.98 -25.63 15.39
CA LYS B 202 -27.08 -24.39 14.62
C LYS B 202 -26.71 -24.61 13.16
N GLY B 203 -25.87 -25.60 12.88
CA GLY B 203 -25.42 -25.88 11.53
C GLY B 203 -24.00 -25.48 11.21
N THR B 204 -23.16 -25.21 12.21
CA THR B 204 -21.79 -24.81 11.99
C THR B 204 -20.87 -25.69 12.83
N TYR B 205 -19.57 -25.62 12.53
CA TYR B 205 -18.59 -26.43 13.24
C TYR B 205 -18.48 -26.00 14.69
N LEU B 206 -18.20 -26.97 15.57
CA LEU B 206 -18.10 -26.70 16.99
C LEU B 206 -16.93 -25.77 17.28
N VAL B 207 -17.18 -24.72 18.06
CA VAL B 207 -16.17 -23.77 18.45
C VAL B 207 -16.05 -23.63 19.97
N ASP B 208 -17.18 -23.51 20.66
CA ASP B 208 -17.20 -23.36 22.11
C ASP B 208 -17.47 -24.67 22.85
N GLY B 209 -17.60 -25.78 22.13
CA GLY B 209 -17.91 -27.04 22.76
C GLY B 209 -19.40 -27.25 22.89
N GLU B 210 -20.14 -27.07 21.80
CA GLU B 210 -21.59 -27.20 21.81
C GLU B 210 -21.96 -28.68 21.72
N SER B 211 -23.24 -28.96 21.52
CA SER B 211 -23.75 -30.33 21.43
C SER B 211 -23.94 -30.71 19.98
N GLU B 212 -23.35 -31.84 19.58
CA GLU B 212 -23.49 -32.33 18.21
C GLU B 212 -24.92 -32.78 17.96
N ASP B 213 -25.41 -32.48 16.75
CA ASP B 213 -26.77 -32.86 16.39
C ASP B 213 -26.88 -34.34 16.04
N SER B 214 -25.77 -35.00 15.69
CA SER B 214 -25.72 -36.42 15.34
C SER B 214 -26.51 -36.72 14.08
N GLN B 215 -27.12 -35.71 13.48
CA GLN B 215 -27.80 -35.82 12.20
C GLN B 215 -27.32 -34.79 11.19
N LEU B 216 -27.03 -33.57 11.63
CA LEU B 216 -26.39 -32.60 10.76
C LEU B 216 -24.92 -32.90 10.54
N SER B 217 -24.26 -33.53 11.52
CA SER B 217 -22.87 -33.93 11.37
C SER B 217 -22.72 -34.99 10.29
N GLN B 218 -23.64 -35.96 10.26
CA GLN B 218 -23.63 -36.99 9.22
C GLN B 218 -23.99 -36.36 7.88
N ARG B 219 -23.01 -36.23 6.99
CA ARG B 219 -23.22 -35.50 5.75
C ARG B 219 -22.17 -35.93 4.73
N VAL B 220 -22.42 -35.57 3.48
CA VAL B 220 -21.46 -35.71 2.39
C VAL B 220 -21.33 -34.37 1.70
N GLU B 221 -20.09 -33.88 1.57
CA GLU B 221 -19.82 -32.55 1.05
C GLU B 221 -18.96 -32.63 -0.19
N PHE B 222 -19.11 -31.63 -1.06
CA PHE B 222 -18.28 -31.46 -2.25
C PHE B 222 -17.58 -30.11 -2.11
N ARG B 223 -16.43 -30.11 -1.46
CA ARG B 223 -15.71 -28.88 -1.15
C ARG B 223 -14.69 -28.58 -2.25
N VAL B 224 -14.55 -27.29 -2.57
CA VAL B 224 -13.61 -26.82 -3.58
C VAL B 224 -12.48 -26.08 -2.89
N ARG B 225 -11.25 -26.46 -3.22
CA ARG B 225 -10.07 -25.77 -2.71
C ARG B 225 -9.46 -24.90 -3.82
N THR B 226 -9.18 -23.66 -3.47
CA THR B 226 -8.65 -22.66 -4.39
C THR B 226 -7.13 -22.66 -4.32
N ASN B 227 -6.49 -22.46 -5.48
CA ASN B 227 -5.03 -22.44 -5.54
C ASN B 227 -4.45 -21.10 -5.10
N ILE B 228 -4.88 -20.60 -3.94
CA ILE B 228 -4.31 -19.37 -3.41
C ILE B 228 -3.02 -19.61 -2.66
N GLU B 229 -2.76 -20.85 -2.22
CA GLU B 229 -1.48 -21.16 -1.60
C GLU B 229 -0.36 -21.17 -2.63
N ARG B 230 -0.67 -21.54 -3.88
CA ARG B 230 0.34 -21.49 -4.93
C ARG B 230 0.70 -20.06 -5.30
N LYS B 231 -0.29 -19.16 -5.31
CA LYS B 231 -0.01 -17.76 -5.60
C LYS B 231 0.92 -17.15 -4.57
N VAL B 232 0.71 -17.48 -3.29
CA VAL B 232 1.60 -17.01 -2.24
C VAL B 232 2.97 -17.66 -2.40
N ALA B 233 3.01 -18.92 -2.81
CA ALA B 233 4.29 -19.60 -3.02
C ALA B 233 5.08 -18.99 -4.16
N ASP B 234 4.40 -18.52 -5.21
CA ASP B 234 5.10 -17.86 -6.31
C ASP B 234 5.81 -16.60 -5.85
N ILE B 235 5.17 -15.83 -4.97
CA ILE B 235 5.80 -14.63 -4.43
C ILE B 235 7.04 -15.00 -3.62
N VAL B 236 6.93 -16.04 -2.79
CA VAL B 236 8.08 -16.50 -2.04
C VAL B 236 9.16 -17.05 -2.96
N GLU B 237 8.76 -17.86 -3.95
CA GLU B 237 9.72 -18.46 -4.87
C GLU B 237 10.42 -17.40 -5.72
N LYS B 238 9.68 -16.40 -6.19
CA LYS B 238 10.29 -15.36 -7.02
C LYS B 238 11.28 -14.52 -6.23
N GLU B 239 11.02 -14.32 -4.92
CA GLU B 239 11.97 -13.61 -4.08
C GLU B 239 13.19 -14.45 -3.76
N ASN B 240 12.98 -15.74 -3.47
CA ASN B 240 14.11 -16.62 -3.16
C ASN B 240 15.02 -16.79 -4.37
N LEU B 241 14.45 -16.98 -5.56
CA LEU B 241 15.27 -17.09 -6.76
C LEU B 241 16.01 -15.79 -7.05
N TYR B 242 15.32 -14.65 -6.88
CA TYR B 242 15.98 -13.36 -7.07
C TYR B 242 17.06 -13.13 -6.03
N PHE B 243 16.80 -13.51 -4.78
CA PHE B 243 17.81 -13.37 -3.73
C PHE B 243 19.04 -14.23 -4.01
N GLN B 244 18.81 -15.45 -4.49
CA GLN B 244 19.93 -16.32 -4.84
C GLN B 244 20.65 -15.85 -6.10
N GLY B 245 19.99 -15.07 -6.95
CA GLY B 245 20.63 -14.57 -8.15
C GLY B 245 21.76 -13.61 -7.88
N GLN B 246 21.65 -12.82 -6.80
CA GLN B 246 22.67 -11.84 -6.44
C GLN B 246 23.81 -12.44 -5.63
N PHE B 247 23.96 -13.77 -5.64
CA PHE B 247 25.04 -14.42 -4.91
C PHE B 247 26.03 -15.05 -5.87
N MET C 1 28.16 8.53 -1.59
CA MET C 1 28.18 9.78 -2.33
C MET C 1 27.03 10.69 -1.90
N ILE C 2 25.83 10.12 -1.78
CA ILE C 2 24.68 10.90 -1.35
C ILE C 2 24.83 11.31 0.11
N HIS C 3 25.29 10.38 0.97
CA HIS C 3 25.47 10.70 2.38
C HIS C 3 26.57 11.74 2.57
N ASN C 4 27.64 11.65 1.80
CA ASN C 4 28.70 12.65 1.89
C ASN C 4 28.23 14.02 1.44
N MET C 5 27.36 14.07 0.42
CA MET C 5 26.80 15.34 -0.03
C MET C 5 25.94 15.97 1.05
N ALA C 6 25.13 15.16 1.75
CA ALA C 6 24.31 15.68 2.83
C ALA C 6 25.16 16.21 3.98
N TYR C 7 26.20 15.48 4.36
CA TYR C 7 27.09 15.95 5.43
C TYR C 7 27.84 17.21 5.01
N PHE C 8 28.31 17.25 3.75
CA PHE C 8 28.97 18.45 3.26
C PHE C 8 28.01 19.64 3.22
N GLY C 9 26.77 19.39 2.78
CA GLY C 9 25.80 20.47 2.75
C GLY C 9 25.46 21.01 4.12
N VAL C 10 25.24 20.11 5.08
CA VAL C 10 24.96 20.53 6.46
C VAL C 10 26.16 21.27 7.05
N GLY C 11 27.36 20.75 6.82
CA GLY C 11 28.56 21.42 7.28
C GLY C 11 28.79 22.76 6.61
N LEU C 12 28.43 22.86 5.32
CA LEU C 12 28.60 24.12 4.61
C LEU C 12 27.66 25.19 5.15
N ILE C 13 26.39 24.84 5.39
CA ILE C 13 25.43 25.82 5.88
C ILE C 13 25.85 26.35 7.24
N THR C 14 26.35 25.48 8.12
CA THR C 14 26.86 25.92 9.41
C THR C 14 28.06 26.84 9.23
N LEU C 15 28.92 26.55 8.25
CA LEU C 15 30.09 27.38 8.02
C LEU C 15 29.70 28.78 7.58
N MET C 16 28.74 28.90 6.66
CA MET C 16 28.28 30.22 6.24
C MET C 16 27.57 30.93 7.38
N PHE C 17 26.80 30.20 8.19
CA PHE C 17 26.14 30.81 9.34
C PHE C 17 27.16 31.41 10.31
N LEU C 18 28.24 30.68 10.57
CA LEU C 18 29.31 31.22 11.41
C LEU C 18 29.93 32.45 10.77
N ILE C 19 30.12 32.43 9.46
CA ILE C 19 30.60 33.62 8.75
C ILE C 19 29.57 34.73 8.82
N PHE C 20 28.29 34.37 8.70
CA PHE C 20 27.22 35.37 8.75
C PHE C 20 27.11 36.02 10.12
N VAL C 21 27.33 35.26 11.20
CA VAL C 21 27.18 35.81 12.55
C VAL C 21 28.46 36.42 13.09
N MET C 22 29.64 36.08 12.54
CA MET C 22 30.85 36.71 13.04
C MET C 22 30.95 38.16 12.60
N ASN C 23 30.32 38.50 11.47
CA ASN C 23 30.26 39.90 11.06
C ASN C 23 29.13 40.61 11.79
N ARG C 24 27.89 40.22 11.53
CA ARG C 24 26.72 40.60 12.31
C ARG C 24 26.50 42.12 12.32
N ARG C 25 27.37 42.86 11.62
CA ARG C 25 27.36 44.31 11.67
C ARG C 25 27.25 44.97 10.30
N ASN C 26 27.29 44.21 9.20
CA ASN C 26 27.22 44.82 7.88
C ASN C 26 25.86 45.45 7.64
N LYS C 27 24.79 44.86 8.20
CA LYS C 27 23.40 45.29 8.08
C LYS C 27 22.85 45.11 6.67
N SER C 28 23.68 44.70 5.71
CA SER C 28 23.23 44.31 4.39
C SER C 28 23.60 42.87 4.04
N ILE C 29 24.73 42.37 4.55
CA ILE C 29 25.02 40.95 4.44
C ILE C 29 24.02 40.15 5.26
N GLN C 30 23.68 40.64 6.45
CA GLN C 30 22.73 39.94 7.31
C GLN C 30 21.33 39.94 6.72
N GLU C 31 20.98 40.97 5.94
CA GLU C 31 19.67 41.03 5.33
C GLU C 31 19.48 39.98 4.25
N LEU C 32 20.55 39.61 3.55
CA LEU C 32 20.52 38.55 2.55
C LEU C 32 20.82 37.17 3.13
N ALA C 33 21.23 37.10 4.39
CA ALA C 33 21.64 35.82 4.96
C ALA C 33 20.50 34.80 5.05
N PRO C 34 19.29 35.15 5.52
CA PRO C 34 18.22 34.13 5.54
C PRO C 34 17.94 33.51 4.18
N GLY C 35 17.99 34.32 3.11
CA GLY C 35 17.74 33.78 1.78
C GLY C 35 18.82 32.82 1.32
N ILE C 36 20.08 33.17 1.58
CA ILE C 36 21.19 32.33 1.11
C ILE C 36 21.25 31.02 1.89
N LEU C 37 21.02 31.08 3.20
CA LEU C 37 21.08 29.87 4.02
C LEU C 37 20.00 28.87 3.62
N ILE C 38 18.78 29.35 3.42
CA ILE C 38 17.68 28.46 3.04
C ILE C 38 17.86 27.96 1.62
N THR C 39 18.28 28.83 0.71
CA THR C 39 18.48 28.43 -0.68
C THR C 39 19.59 27.40 -0.80
N THR C 40 20.67 27.56 -0.03
CA THR C 40 21.76 26.59 -0.06
C THR C 40 21.31 25.23 0.45
N GLY C 41 20.53 25.21 1.53
CA GLY C 41 20.01 23.95 2.03
C GLY C 41 19.03 23.31 1.07
N ILE C 42 18.22 24.12 0.41
CA ILE C 42 17.30 23.62 -0.61
C ILE C 42 18.09 23.05 -1.79
N PHE C 43 19.20 23.68 -2.15
CA PHE C 43 20.03 23.18 -3.24
C PHE C 43 20.60 21.81 -2.93
N PHE C 44 21.10 21.61 -1.70
CA PHE C 44 21.69 20.33 -1.35
C PHE C 44 20.63 19.24 -1.19
N THR C 45 19.43 19.60 -0.74
CA THR C 45 18.33 18.65 -0.75
C THR C 45 17.96 18.25 -2.17
N PHE C 46 17.95 19.21 -3.09
CA PHE C 46 17.66 18.90 -4.49
C PHE C 46 18.71 17.96 -5.07
N VAL C 47 19.99 18.26 -4.81
CA VAL C 47 21.07 17.46 -5.39
C VAL C 47 21.10 16.06 -4.78
N GLY C 48 20.90 15.96 -3.45
CA GLY C 48 20.93 14.67 -2.81
C GLY C 48 19.86 13.72 -3.32
N ILE C 49 18.64 14.23 -3.50
CA ILE C 49 17.57 13.40 -4.04
C ILE C 49 17.81 13.11 -5.52
N ALA C 50 18.29 14.10 -6.27
CA ALA C 50 18.57 13.91 -7.68
C ALA C 50 19.64 12.85 -7.90
N ILE C 51 20.68 12.86 -7.07
CA ILE C 51 21.72 11.84 -7.18
C ILE C 51 21.14 10.47 -6.82
N GLY C 52 20.21 10.43 -5.87
CA GLY C 52 19.52 9.19 -5.56
C GLY C 52 18.55 8.75 -6.62
N LEU C 53 18.05 9.67 -7.44
CA LEU C 53 17.12 9.33 -8.51
C LEU C 53 17.84 8.68 -9.70
N VAL C 54 19.04 9.15 -10.02
CA VAL C 54 19.76 8.59 -11.16
C VAL C 54 20.28 7.19 -10.86
N HIS C 55 20.46 6.85 -9.59
CA HIS C 55 20.86 5.50 -9.20
C HIS C 55 19.67 4.56 -9.05
N PHE C 56 18.45 5.09 -9.12
CA PHE C 56 17.26 4.24 -9.03
C PHE C 56 17.10 3.43 -10.31
N ASN C 57 16.87 2.13 -10.16
CA ASN C 57 16.66 1.23 -11.29
C ASN C 57 15.18 0.90 -11.37
N ALA C 58 14.54 1.33 -12.46
CA ALA C 58 13.11 1.06 -12.63
C ALA C 58 12.84 -0.42 -12.81
N ASP C 59 13.82 -1.17 -13.32
CA ASP C 59 13.63 -2.62 -13.49
C ASP C 59 13.63 -3.34 -12.15
N ASN C 60 14.60 -3.02 -11.29
CA ASN C 60 14.74 -3.66 -9.98
C ASN C 60 14.15 -2.73 -8.92
N VAL C 61 12.81 -2.71 -8.85
CA VAL C 61 12.12 -1.86 -7.88
C VAL C 61 12.38 -2.34 -6.46
N ASP C 62 12.49 -3.66 -6.26
CA ASP C 62 12.54 -4.20 -4.90
C ASP C 62 13.76 -3.71 -4.14
N ASP C 63 14.93 -3.67 -4.80
CA ASP C 63 16.16 -3.26 -4.14
C ASP C 63 16.50 -1.79 -4.35
N SER C 64 15.95 -1.15 -5.38
CA SER C 64 16.23 0.27 -5.59
C SER C 64 15.49 1.15 -4.60
N LEU C 65 14.31 0.73 -4.15
CA LEU C 65 13.53 1.53 -3.21
C LEU C 65 14.26 1.74 -1.88
N PRO C 66 14.83 0.72 -1.23
CA PRO C 66 15.62 1.00 -0.01
C PRO C 66 16.80 1.92 -0.25
N THR C 67 17.47 1.79 -1.40
CA THR C 67 18.60 2.66 -1.71
C THR C 67 18.14 4.09 -1.97
N LEU C 68 17.01 4.25 -2.66
CA LEU C 68 16.50 5.59 -2.93
C LEU C 68 16.11 6.29 -1.64
N LEU C 69 15.45 5.57 -0.71
CA LEU C 69 15.06 6.19 0.55
C LEU C 69 16.25 6.46 1.45
N ASN C 70 17.33 5.68 1.31
CA ASN C 70 18.52 5.93 2.12
C ASN C 70 19.13 7.28 1.81
N GLY C 71 19.17 7.67 0.54
CA GLY C 71 19.66 8.99 0.18
C GLY C 71 18.63 10.07 0.34
N ILE C 72 17.34 9.71 0.29
CA ILE C 72 16.28 10.70 0.48
C ILE C 72 16.24 11.16 1.93
N LYS C 73 16.36 10.22 2.87
CA LYS C 73 16.18 10.56 4.28
C LYS C 73 17.26 11.51 4.78
N THR C 74 18.47 11.41 4.25
CA THR C 74 19.55 12.32 4.64
C THR C 74 19.51 13.65 3.90
N ALA C 75 18.73 13.75 2.82
CA ALA C 75 18.65 15.00 2.07
C ALA C 75 17.82 16.06 2.80
N PHE C 76 16.83 15.64 3.60
CA PHE C 76 16.01 16.60 4.31
C PHE C 76 16.77 17.32 5.41
N TRP C 77 17.89 16.76 5.88
CA TRP C 77 18.65 17.41 6.94
C TRP C 77 19.33 18.69 6.45
N ALA C 78 19.62 18.77 5.14
CA ALA C 78 20.23 19.98 4.61
C ALA C 78 19.23 21.13 4.56
N SER C 79 18.00 20.86 4.11
CA SER C 79 16.97 21.90 4.07
C SER C 79 16.59 22.34 5.48
N ALA C 80 16.46 21.39 6.42
CA ALA C 80 16.13 21.74 7.79
C ALA C 80 17.24 22.58 8.42
N THR C 81 18.50 22.23 8.15
CA THR C 81 19.61 23.00 8.70
C THR C 81 19.63 24.43 8.17
N GLY C 82 19.33 24.60 6.88
CA GLY C 82 19.31 25.95 6.31
C GLY C 82 18.20 26.81 6.89
N VAL C 83 17.01 26.24 7.07
CA VAL C 83 15.91 27.00 7.66
C VAL C 83 16.17 27.28 9.13
N PHE C 84 16.78 26.32 9.84
CA PHE C 84 17.07 26.51 11.25
C PHE C 84 18.04 27.67 11.47
N PHE C 85 19.13 27.70 10.70
CA PHE C 85 20.11 28.76 10.87
C PHE C 85 19.59 30.10 10.38
N ALA C 86 18.77 30.10 9.32
CA ALA C 86 18.15 31.33 8.86
C ALA C 86 17.14 31.85 9.86
N LEU C 87 16.45 30.95 10.58
CA LEU C 87 15.54 31.37 11.63
C LEU C 87 16.30 32.07 12.75
N ILE C 88 17.49 31.57 13.09
CA ILE C 88 18.31 32.21 14.11
C ILE C 88 18.70 33.63 13.68
N ILE C 89 19.02 33.79 12.39
CA ILE C 89 19.36 35.12 11.88
C ILE C 89 18.16 36.05 11.99
N LYS C 90 16.97 35.56 11.64
CA LYS C 90 15.77 36.39 11.77
C LYS C 90 15.37 36.57 13.22
N ILE C 91 15.62 35.57 14.07
CA ILE C 91 15.38 35.75 15.50
C ILE C 91 16.31 36.81 16.06
N LEU C 92 17.59 36.79 15.65
CA LEU C 92 18.52 37.82 16.09
C LEU C 92 18.11 39.18 15.56
N ASP C 93 17.57 39.24 14.35
CA ASP C 93 17.07 40.51 13.82
C ASP C 93 15.92 41.04 14.65
N ILE C 94 15.04 40.15 15.11
CA ILE C 94 13.95 40.57 15.99
C ILE C 94 14.49 41.09 17.30
N PHE C 95 15.50 40.41 17.87
CA PHE C 95 16.08 40.84 19.13
C PHE C 95 16.68 42.24 19.01
N ASP C 96 17.29 42.55 17.87
CA ASP C 96 17.81 43.89 17.65
C ASP C 96 16.68 44.93 17.59
N LEU C 97 15.53 44.57 17.03
CA LEU C 97 14.43 45.51 16.94
C LEU C 97 13.83 45.82 18.30
N THR C 98 13.88 44.87 19.23
CA THR C 98 13.34 45.10 20.57
C THR C 98 14.13 46.15 21.34
N ARG C 99 15.41 46.34 21.01
CA ARG C 99 16.23 47.35 21.67
C ARG C 99 15.81 48.76 21.25
N MET D 1 12.71 15.26 23.53
CA MET D 1 12.93 13.92 23.00
C MET D 1 12.00 13.64 21.81
N ILE D 2 12.20 12.48 21.16
CA ILE D 2 11.61 12.23 19.86
C ILE D 2 10.09 12.21 19.92
N HIS D 3 9.53 11.51 20.90
CA HIS D 3 8.07 11.40 20.97
C HIS D 3 7.42 12.75 21.24
N ASN D 4 8.04 13.56 22.10
CA ASN D 4 7.54 14.89 22.39
C ASN D 4 8.11 15.93 21.42
N MET D 5 7.97 15.65 20.13
CA MET D 5 8.44 16.55 19.09
C MET D 5 7.32 17.38 18.48
N ALA D 6 6.12 16.82 18.36
CA ALA D 6 4.97 17.59 17.87
C ALA D 6 4.62 18.72 18.84
N TYR D 7 4.66 18.43 20.15
CA TYR D 7 4.34 19.45 21.13
C TYR D 7 5.44 20.51 21.22
N PHE D 8 6.70 20.12 21.00
CA PHE D 8 7.77 21.11 20.98
C PHE D 8 7.61 22.08 19.81
N GLY D 9 7.21 21.56 18.64
CA GLY D 9 6.97 22.45 17.51
C GLY D 9 5.81 23.39 17.75
N VAL D 10 4.70 22.87 18.29
CA VAL D 10 3.56 23.73 18.62
C VAL D 10 3.93 24.71 19.74
N GLY D 11 4.65 24.23 20.75
CA GLY D 11 5.00 25.09 21.87
C GLY D 11 5.94 26.22 21.49
N LEU D 12 6.87 25.96 20.55
CA LEU D 12 7.81 27.00 20.15
C LEU D 12 7.14 28.07 19.31
N ILE D 13 6.28 27.67 18.38
CA ILE D 13 5.55 28.65 17.58
C ILE D 13 4.58 29.43 18.44
N THR D 14 3.96 28.77 19.43
CA THR D 14 3.10 29.47 20.37
C THR D 14 3.90 30.46 21.21
N LEU D 15 5.12 30.08 21.61
CA LEU D 15 5.96 30.97 22.40
C LEU D 15 6.38 32.20 21.61
N MET D 16 6.78 32.00 20.34
CA MET D 16 7.18 33.14 19.52
C MET D 16 6.00 34.07 19.26
N PHE D 17 4.81 33.50 19.06
CA PHE D 17 3.61 34.33 18.90
C PHE D 17 3.37 35.17 20.15
N LEU D 18 3.58 34.59 21.33
CA LEU D 18 3.46 35.35 22.56
C LEU D 18 4.50 36.48 22.61
N ILE D 19 5.72 36.21 22.14
CA ILE D 19 6.72 37.26 22.03
C ILE D 19 6.31 38.29 20.98
N PHE D 20 5.69 37.83 19.89
CA PHE D 20 5.29 38.75 18.83
C PHE D 20 4.18 39.69 19.28
N VAL D 21 3.37 39.28 20.26
CA VAL D 21 2.24 40.10 20.69
C VAL D 21 2.53 40.91 21.95
N MET D 22 3.61 40.62 22.68
CA MET D 22 3.97 41.49 23.78
C MET D 22 4.50 42.82 23.29
N ASN D 23 5.07 42.87 22.09
CA ASN D 23 5.49 44.15 21.53
C ASN D 23 4.29 44.87 20.90
N ARG D 24 3.75 44.31 19.82
CA ARG D 24 2.46 44.71 19.25
C ARG D 24 2.44 46.17 18.81
N ARG D 25 3.57 46.88 18.97
CA ARG D 25 3.63 48.30 18.68
C ARG D 25 4.84 48.73 17.87
N ASN D 26 5.86 47.87 17.73
CA ASN D 26 7.05 48.24 16.97
C ASN D 26 6.71 48.43 15.50
N LYS D 27 5.80 47.61 14.96
CA LYS D 27 5.33 47.61 13.58
C LYS D 27 6.39 47.15 12.58
N SER D 28 7.63 46.92 13.03
CA SER D 28 8.63 46.24 12.23
C SER D 28 8.84 44.80 12.66
N ILE D 29 8.62 44.48 13.94
CA ILE D 29 8.55 43.09 14.36
C ILE D 29 7.26 42.46 13.86
N GLN D 30 6.17 43.21 13.89
CA GLN D 30 4.87 42.66 13.46
C GLN D 30 4.83 42.41 11.96
N GLU D 31 5.52 43.23 11.17
CA GLU D 31 5.57 42.99 9.73
C GLU D 31 6.41 41.75 9.39
N LEU D 32 7.32 41.37 10.27
CA LEU D 32 8.11 40.14 10.08
C LEU D 32 7.53 38.95 10.82
N ALA D 33 6.51 39.16 11.66
CA ALA D 33 5.96 38.06 12.44
C ALA D 33 5.31 36.97 11.59
N PRO D 34 4.41 37.26 10.64
CA PRO D 34 3.82 36.16 9.86
C PRO D 34 4.83 35.36 9.07
N GLY D 35 5.88 36.01 8.55
CA GLY D 35 6.90 35.27 7.82
C GLY D 35 7.71 34.35 8.72
N ILE D 36 8.05 34.82 9.91
CA ILE D 36 8.84 34.01 10.83
C ILE D 36 8.01 32.85 11.38
N LEU D 37 6.75 33.10 11.70
CA LEU D 37 5.89 32.03 12.21
C LEU D 37 5.67 30.96 11.16
N ILE D 38 5.45 31.37 9.90
CA ILE D 38 5.24 30.41 8.82
C ILE D 38 6.54 29.65 8.52
N THR D 39 7.68 30.35 8.59
CA THR D 39 8.96 29.70 8.33
C THR D 39 9.25 28.61 9.36
N THR D 40 8.92 28.87 10.63
CA THR D 40 9.14 27.87 11.66
C THR D 40 8.25 26.64 11.45
N GLY D 41 7.02 26.86 11.01
CA GLY D 41 6.17 25.74 10.64
C GLY D 41 6.75 24.94 9.49
N ILE D 42 7.37 25.63 8.54
CA ILE D 42 8.10 24.94 7.47
C ILE D 42 9.33 24.25 8.03
N PHE D 43 10.00 24.87 9.01
CA PHE D 43 11.16 24.25 9.64
C PHE D 43 10.78 22.94 10.33
N PHE D 44 9.70 22.95 11.10
CA PHE D 44 9.26 21.73 11.77
C PHE D 44 8.63 20.74 10.80
N THR D 45 8.20 21.20 9.62
CA THR D 45 7.79 20.28 8.57
C THR D 45 9.00 19.56 7.99
N PHE D 46 10.11 20.28 7.79
CA PHE D 46 11.31 19.67 7.25
C PHE D 46 11.93 18.69 8.25
N VAL D 47 12.11 19.12 9.51
CA VAL D 47 12.72 18.24 10.49
C VAL D 47 11.78 17.14 10.91
N GLY D 48 10.46 17.38 10.82
CA GLY D 48 9.51 16.33 11.12
C GLY D 48 9.58 15.18 10.13
N ILE D 49 9.66 15.50 8.84
CA ILE D 49 9.86 14.45 7.84
C ILE D 49 11.24 13.82 8.00
N ALA D 50 12.23 14.61 8.41
CA ALA D 50 13.58 14.08 8.60
C ALA D 50 13.61 13.01 9.68
N ILE D 51 12.92 13.23 10.79
CA ILE D 51 12.87 12.21 11.84
C ILE D 51 11.86 11.12 11.52
N GLY D 52 10.87 11.41 10.66
CA GLY D 52 9.93 10.38 10.26
C GLY D 52 10.59 9.31 9.39
N LEU D 53 11.49 9.72 8.51
CA LEU D 53 12.15 8.81 7.59
C LEU D 53 13.53 8.36 8.07
N VAL D 54 13.95 8.78 9.26
CA VAL D 54 15.28 8.40 9.74
C VAL D 54 15.36 6.91 10.04
N HIS D 55 14.25 6.31 10.43
CA HIS D 55 14.18 4.88 10.74
C HIS D 55 13.11 4.20 9.90
N PHE D 56 13.00 4.60 8.64
CA PHE D 56 11.98 4.10 7.74
C PHE D 56 12.57 3.01 6.85
N ASN D 57 11.97 1.83 6.87
CA ASN D 57 12.37 0.71 6.03
C ASN D 57 11.20 0.33 5.14
N ALA D 58 11.48 0.17 3.83
CA ALA D 58 10.44 -0.22 2.90
C ALA D 58 9.93 -1.64 3.14
N ASP D 59 10.74 -2.48 3.78
CA ASP D 59 10.31 -3.85 4.07
C ASP D 59 9.51 -3.92 5.37
N ASN D 60 10.04 -3.33 6.44
CA ASN D 60 9.37 -3.35 7.75
C ASN D 60 8.63 -2.02 7.93
N VAL D 61 7.48 -1.91 7.26
CA VAL D 61 6.67 -0.71 7.38
C VAL D 61 6.06 -0.61 8.77
N ASP D 62 5.65 -1.74 9.34
CA ASP D 62 4.97 -1.73 10.63
C ASP D 62 5.88 -1.19 11.74
N ASP D 63 7.15 -1.60 11.75
CA ASP D 63 8.07 -1.12 12.77
C ASP D 63 8.56 0.30 12.49
N SER D 64 8.41 0.78 11.26
CA SER D 64 8.78 2.14 10.90
C SER D 64 7.60 3.11 10.97
N LEU D 65 6.43 2.64 11.38
CA LEU D 65 5.21 3.44 11.38
C LEU D 65 5.11 4.39 12.57
N PRO D 66 5.41 3.98 13.81
CA PRO D 66 5.28 4.94 14.93
C PRO D 66 6.12 6.19 14.77
N THR D 67 7.33 6.08 14.24
CA THR D 67 8.16 7.27 14.04
C THR D 67 7.70 8.07 12.83
N LEU D 68 7.26 7.39 11.77
CA LEU D 68 6.79 8.08 10.57
C LEU D 68 5.51 8.85 10.84
N LEU D 69 4.58 8.26 11.59
CA LEU D 69 3.34 8.97 11.92
C LEU D 69 3.62 10.15 12.85
N ASN D 70 4.57 9.99 13.77
CA ASN D 70 4.94 11.09 14.65
C ASN D 70 5.53 12.25 13.85
N GLY D 71 6.36 11.94 12.85
CA GLY D 71 6.90 12.97 11.99
C GLY D 71 5.83 13.68 11.17
N ILE D 72 4.80 12.95 10.75
CA ILE D 72 3.68 13.57 10.05
C ILE D 72 2.89 14.47 10.99
N LYS D 73 2.74 14.04 12.25
CA LYS D 73 2.00 14.84 13.23
C LYS D 73 2.68 16.18 13.48
N THR D 74 4.00 16.16 13.73
CA THR D 74 4.71 17.40 14.00
C THR D 74 4.78 18.29 12.76
N ALA D 75 4.69 17.71 11.57
CA ALA D 75 4.66 18.51 10.36
C ALA D 75 3.31 19.21 10.21
N PHE D 76 2.21 18.49 10.46
CA PHE D 76 0.88 19.09 10.32
C PHE D 76 0.55 20.01 11.48
N TRP D 77 0.93 19.63 12.71
CA TRP D 77 0.59 20.45 13.87
C TRP D 77 1.32 21.79 13.84
N ALA D 78 2.60 21.78 13.46
CA ALA D 78 3.36 23.02 13.41
C ALA D 78 2.93 23.88 12.23
N SER D 79 2.62 23.26 11.09
CA SER D 79 2.09 24.01 9.96
C SER D 79 0.75 24.65 10.31
N ALA D 80 -0.13 23.91 10.98
CA ALA D 80 -1.39 24.48 11.44
C ALA D 80 -1.15 25.57 12.48
N THR D 81 -0.22 25.34 13.41
CA THR D 81 0.07 26.34 14.43
C THR D 81 0.71 27.59 13.82
N GLY D 82 1.62 27.42 12.87
CA GLY D 82 2.27 28.56 12.26
C GLY D 82 1.31 29.42 11.45
N VAL D 83 0.45 28.78 10.65
CA VAL D 83 -0.49 29.52 9.83
C VAL D 83 -1.56 30.17 10.71
N PHE D 84 -2.01 29.47 11.75
CA PHE D 84 -3.06 30.02 12.62
C PHE D 84 -2.57 31.28 13.33
N PHE D 85 -1.35 31.25 13.85
CA PHE D 85 -0.83 32.41 14.57
C PHE D 85 -0.38 33.52 13.62
N ALA D 86 0.07 33.16 12.43
CA ALA D 86 0.33 34.18 11.41
C ALA D 86 -0.96 34.84 10.97
N LEU D 87 -2.05 34.08 10.91
CA LEU D 87 -3.35 34.65 10.56
C LEU D 87 -3.86 35.58 11.65
N ILE D 88 -3.59 35.28 12.92
CA ILE D 88 -4.00 36.16 14.01
C ILE D 88 -3.29 37.51 13.90
N ILE D 89 -1.99 37.48 13.57
CA ILE D 89 -1.26 38.72 13.35
C ILE D 89 -1.87 39.50 12.20
N LYS D 90 -2.22 38.80 11.12
CA LYS D 90 -2.85 39.47 9.98
C LYS D 90 -4.22 40.03 10.36
N ILE D 91 -5.00 39.28 11.14
CA ILE D 91 -6.31 39.76 11.57
C ILE D 91 -6.16 41.00 12.45
N LEU D 92 -5.19 40.97 13.37
CA LEU D 92 -4.93 42.13 14.21
C LEU D 92 -4.47 43.34 13.41
N ASP D 93 -3.91 43.12 12.21
CA ASP D 93 -3.49 44.23 11.37
C ASP D 93 -4.70 45.02 10.86
N ILE D 94 -5.78 44.34 10.51
CA ILE D 94 -7.00 45.04 10.11
C ILE D 94 -7.56 45.85 11.27
N PHE D 95 -7.61 45.25 12.46
CA PHE D 95 -8.21 45.91 13.61
C PHE D 95 -7.51 47.22 13.96
N ASP D 96 -6.24 47.36 13.57
CA ASP D 96 -5.57 48.65 13.72
C ASP D 96 -6.04 49.64 12.67
N LEU D 97 -6.38 49.16 11.47
CA LEU D 97 -6.83 50.06 10.42
C LEU D 97 -8.25 50.55 10.67
N THR D 98 -9.14 49.67 11.13
CA THR D 98 -10.51 50.08 11.41
C THR D 98 -10.57 51.13 12.51
N ARG D 99 -9.77 50.95 13.57
CA ARG D 99 -9.72 51.91 14.65
C ARG D 99 -8.40 51.81 15.41
N MET E 1 -17.55 15.87 12.90
CA MET E 1 -17.15 17.21 13.33
C MET E 1 -16.23 17.82 12.30
N ILE E 2 -15.35 17.01 11.72
CA ILE E 2 -14.41 17.52 10.73
C ILE E 2 -15.13 17.98 9.48
N HIS E 3 -16.23 17.31 9.11
CA HIS E 3 -17.07 17.84 8.04
C HIS E 3 -17.59 19.22 8.38
N ASN E 4 -18.06 19.40 9.62
CA ASN E 4 -18.52 20.72 10.05
C ASN E 4 -17.38 21.70 10.19
N MET E 5 -16.19 21.22 10.58
CA MET E 5 -15.04 22.11 10.68
C MET E 5 -14.64 22.64 9.30
N ALA E 6 -14.65 21.77 8.28
CA ALA E 6 -14.39 22.23 6.92
C ALA E 6 -15.52 23.12 6.40
N TYR E 7 -16.78 22.74 6.69
CA TYR E 7 -17.90 23.58 6.30
C TYR E 7 -17.84 24.93 6.99
N PHE E 8 -17.47 24.96 8.27
CA PHE E 8 -17.26 26.22 8.96
C PHE E 8 -16.13 27.01 8.32
N GLY E 9 -15.04 26.34 7.94
CA GLY E 9 -13.95 27.04 7.29
C GLY E 9 -14.34 27.61 5.94
N VAL E 10 -15.05 26.81 5.13
CA VAL E 10 -15.56 27.31 3.85
C VAL E 10 -16.58 28.41 4.09
N GLY E 11 -17.49 28.20 5.04
CA GLY E 11 -18.50 29.22 5.32
C GLY E 11 -17.91 30.50 5.88
N LEU E 12 -16.86 30.39 6.68
CA LEU E 12 -16.22 31.58 7.22
C LEU E 12 -15.55 32.41 6.12
N ILE E 13 -14.90 31.73 5.17
CA ILE E 13 -14.21 32.45 4.10
C ILE E 13 -15.19 33.25 3.26
N THR E 14 -16.36 32.68 2.97
CA THR E 14 -17.39 33.43 2.26
C THR E 14 -17.90 34.60 3.10
N LEU E 15 -17.84 34.47 4.42
CA LEU E 15 -18.33 35.54 5.29
C LEU E 15 -17.36 36.71 5.31
N MET E 16 -16.06 36.44 5.38
CA MET E 16 -15.08 37.52 5.33
C MET E 16 -15.04 38.18 3.95
N PHE E 17 -15.20 37.38 2.89
CA PHE E 17 -15.21 37.94 1.54
C PHE E 17 -16.36 38.93 1.38
N LEU E 18 -17.53 38.60 1.93
CA LEU E 18 -18.65 39.55 1.89
C LEU E 18 -18.31 40.84 2.62
N ILE E 19 -17.65 40.72 3.78
CA ILE E 19 -17.21 41.92 4.51
C ILE E 19 -16.17 42.67 3.70
N PHE E 20 -15.31 41.94 2.99
CA PHE E 20 -14.25 42.58 2.21
C PHE E 20 -14.79 43.29 0.96
N VAL E 21 -15.94 42.88 0.45
CA VAL E 21 -16.50 43.51 -0.75
C VAL E 21 -17.57 44.55 -0.44
N MET E 22 -18.19 44.50 0.74
CA MET E 22 -19.13 45.56 1.10
C MET E 22 -18.41 46.87 1.37
N ASN E 23 -17.14 46.81 1.77
CA ASN E 23 -16.36 48.04 1.93
C ASN E 23 -15.83 48.52 0.59
N ARG E 24 -14.93 47.74 -0.01
CA ARG E 24 -14.52 47.91 -1.41
C ARG E 24 -13.89 49.27 -1.67
N ARG E 25 -13.75 50.10 -0.64
CA ARG E 25 -13.31 51.48 -0.80
C ARG E 25 -12.16 51.88 0.11
N ASN E 26 -11.87 51.11 1.16
CA ASN E 26 -10.82 51.50 2.10
C ASN E 26 -9.46 51.51 1.41
N LYS E 27 -9.20 50.53 0.55
CA LYS E 27 -7.96 50.37 -0.21
C LYS E 27 -6.76 50.00 0.66
N SER E 28 -6.92 49.97 1.98
CA SER E 28 -5.92 49.44 2.89
C SER E 28 -6.33 48.11 3.50
N ILE E 29 -7.62 47.95 3.81
CA ILE E 29 -8.15 46.64 4.15
C ILE E 29 -8.18 45.75 2.91
N GLN E 30 -8.49 46.32 1.76
CA GLN E 30 -8.61 45.55 0.53
C GLN E 30 -7.29 44.93 0.10
N GLU E 31 -6.16 45.64 0.30
CA GLU E 31 -4.88 45.08 -0.10
C GLU E 31 -4.47 43.92 0.79
N LEU E 32 -4.94 43.89 2.04
CA LEU E 32 -4.66 42.79 2.95
C LEU E 32 -5.69 41.68 2.86
N ALA E 33 -6.79 41.88 2.13
CA ALA E 33 -7.81 40.86 2.01
C ALA E 33 -7.33 39.59 1.31
N PRO E 34 -6.66 39.65 0.14
CA PRO E 34 -6.26 38.38 -0.52
C PRO E 34 -5.33 37.53 0.32
N GLY E 35 -4.40 38.15 1.05
CA GLY E 35 -3.50 37.36 1.89
C GLY E 35 -4.21 36.66 3.02
N ILE E 36 -5.13 37.36 3.68
CA ILE E 36 -5.85 36.78 4.81
C ILE E 36 -6.83 35.71 4.34
N LEU E 37 -7.50 35.94 3.20
CA LEU E 37 -8.42 34.95 2.67
C LEU E 37 -7.70 33.66 2.32
N ILE E 38 -6.51 33.76 1.72
CA ILE E 38 -5.73 32.57 1.42
C ILE E 38 -5.20 31.94 2.70
N THR E 39 -4.72 32.78 3.64
CA THR E 39 -4.18 32.25 4.89
C THR E 39 -5.25 31.52 5.70
N THR E 40 -6.48 32.04 5.71
CA THR E 40 -7.56 31.36 6.41
C THR E 40 -7.87 30.01 5.79
N GLY E 41 -7.88 29.95 4.45
CA GLY E 41 -8.09 28.67 3.79
C GLY E 41 -6.95 27.70 4.03
N ILE E 42 -5.72 28.21 4.07
CA ILE E 42 -4.57 27.35 4.38
C ILE E 42 -4.68 26.80 5.79
N PHE E 43 -5.10 27.64 6.75
CA PHE E 43 -5.22 27.19 8.13
C PHE E 43 -6.25 26.07 8.26
N PHE E 44 -7.43 26.24 7.63
CA PHE E 44 -8.48 25.24 7.77
C PHE E 44 -8.11 23.93 7.08
N THR E 45 -7.32 24.00 6.00
CA THR E 45 -6.80 22.79 5.39
C THR E 45 -5.85 22.06 6.34
N PHE E 46 -4.98 22.81 7.01
CA PHE E 46 -4.02 22.20 7.93
C PHE E 46 -4.71 21.65 9.18
N VAL E 47 -5.58 22.45 9.80
CA VAL E 47 -6.20 22.04 11.06
C VAL E 47 -7.23 20.94 10.82
N GLY E 48 -7.80 20.86 9.62
CA GLY E 48 -8.74 19.80 9.33
C GLY E 48 -8.09 18.43 9.37
N ILE E 49 -6.88 18.31 8.83
CA ILE E 49 -6.17 17.04 8.89
C ILE E 49 -5.44 16.88 10.22
N ALA E 50 -4.98 17.97 10.81
CA ALA E 50 -4.29 17.89 12.10
C ALA E 50 -5.23 17.38 13.19
N ILE E 51 -6.49 17.78 13.15
CA ILE E 51 -7.47 17.29 14.11
C ILE E 51 -7.67 15.78 13.94
N GLY E 52 -7.77 15.32 12.69
CA GLY E 52 -7.92 13.90 12.43
C GLY E 52 -6.70 13.08 12.74
N LEU E 53 -5.53 13.71 12.89
CA LEU E 53 -4.29 13.02 13.21
C LEU E 53 -4.01 12.99 14.70
N VAL E 54 -4.89 13.56 15.54
CA VAL E 54 -4.64 13.58 16.98
C VAL E 54 -4.75 12.17 17.55
N HIS E 55 -5.80 11.44 17.17
CA HIS E 55 -6.05 10.10 17.68
C HIS E 55 -5.60 9.02 16.70
N PHE E 56 -4.91 9.39 15.63
CA PHE E 56 -4.46 8.43 14.62
C PHE E 56 -3.10 7.90 15.03
N ASN E 57 -3.08 6.74 15.67
CA ASN E 57 -1.85 6.10 16.11
C ASN E 57 -1.66 4.78 15.37
N ALA E 58 -0.58 4.07 15.71
CA ALA E 58 -0.32 2.78 15.08
C ALA E 58 -1.33 1.72 15.52
N ASP E 59 -1.87 1.85 16.72
CA ASP E 59 -2.86 0.90 17.21
C ASP E 59 -4.28 1.30 16.86
N ASN E 60 -4.56 2.60 16.76
CA ASN E 60 -5.89 3.10 16.40
C ASN E 60 -6.01 3.28 14.89
N VAL E 61 -5.69 2.24 14.14
CA VAL E 61 -5.75 2.32 12.68
C VAL E 61 -7.16 2.05 12.19
N ASP E 62 -7.78 0.97 12.67
CA ASP E 62 -9.13 0.63 12.23
C ASP E 62 -10.19 1.58 12.77
N ASP E 63 -9.83 2.45 13.72
CA ASP E 63 -10.78 3.37 14.33
C ASP E 63 -10.62 4.80 13.85
N SER E 64 -9.38 5.32 13.83
CA SER E 64 -9.13 6.70 13.45
C SER E 64 -8.95 6.90 11.96
N LEU E 65 -8.85 5.83 11.17
CA LEU E 65 -8.77 5.99 9.72
C LEU E 65 -10.02 6.63 9.12
N PRO E 66 -11.25 6.21 9.47
CA PRO E 66 -12.42 6.86 8.87
C PRO E 66 -12.47 8.36 9.11
N THR E 67 -12.08 8.82 10.30
CA THR E 67 -12.11 10.26 10.57
C THR E 67 -10.91 10.99 9.98
N LEU E 68 -9.83 10.27 9.67
CA LEU E 68 -8.69 10.91 8.99
C LEU E 68 -8.99 11.15 7.53
N LEU E 69 -9.67 10.20 6.88
CA LEU E 69 -10.02 10.36 5.47
C LEU E 69 -11.08 11.44 5.28
N ASN E 70 -11.98 11.60 6.26
CA ASN E 70 -12.96 12.68 6.19
C ASN E 70 -12.28 14.04 6.16
N GLY E 71 -11.23 14.22 6.95
CA GLY E 71 -10.47 15.45 6.90
C GLY E 71 -9.74 15.62 5.58
N ILE E 72 -9.17 14.53 5.07
CA ILE E 72 -8.42 14.60 3.81
C ILE E 72 -9.34 14.99 2.66
N LYS E 73 -10.53 14.40 2.60
CA LYS E 73 -11.45 14.64 1.50
C LYS E 73 -12.07 16.03 1.53
N THR E 74 -11.97 16.76 2.63
CA THR E 74 -12.59 18.07 2.75
C THR E 74 -11.63 19.20 3.10
N ALA E 75 -10.37 18.89 3.41
CA ALA E 75 -9.44 19.94 3.82
C ALA E 75 -9.14 20.91 2.69
N PHE E 76 -8.95 20.41 1.48
CA PHE E 76 -8.53 21.25 0.36
C PHE E 76 -9.66 22.03 -0.27
N TRP E 77 -10.91 21.81 0.17
CA TRP E 77 -12.00 22.65 -0.30
C TRP E 77 -11.96 24.03 0.33
N ALA E 78 -11.43 24.13 1.55
CA ALA E 78 -11.26 25.45 2.18
C ALA E 78 -10.12 26.22 1.55
N SER E 79 -9.02 25.53 1.23
CA SER E 79 -7.88 26.20 0.59
C SER E 79 -8.27 26.73 -0.79
N ALA E 80 -9.02 25.95 -1.56
CA ALA E 80 -9.49 26.41 -2.86
C ALA E 80 -10.49 27.55 -2.70
N THR E 81 -11.33 27.48 -1.67
CA THR E 81 -12.32 28.54 -1.43
C THR E 81 -11.64 29.86 -1.11
N GLY E 82 -10.60 29.85 -0.27
CA GLY E 82 -9.91 31.08 0.07
C GLY E 82 -9.21 31.71 -1.11
N VAL E 83 -8.57 30.89 -1.95
CA VAL E 83 -7.90 31.41 -3.13
C VAL E 83 -8.91 31.91 -4.15
N PHE E 84 -10.05 31.25 -4.27
CA PHE E 84 -11.07 31.68 -5.23
C PHE E 84 -11.56 33.07 -4.91
N PHE E 85 -11.85 33.35 -3.64
CA PHE E 85 -12.31 34.67 -3.24
C PHE E 85 -11.18 35.69 -3.21
N ALA E 86 -9.96 35.25 -2.88
CA ALA E 86 -8.81 36.15 -2.96
C ALA E 86 -8.53 36.54 -4.40
N LEU E 87 -8.70 35.61 -5.34
CA LEU E 87 -8.52 35.93 -6.75
C LEU E 87 -9.53 36.96 -7.21
N ILE E 88 -10.77 36.85 -6.74
CA ILE E 88 -11.80 37.83 -7.09
C ILE E 88 -11.42 39.22 -6.59
N ILE E 89 -10.90 39.30 -5.36
CA ILE E 89 -10.46 40.58 -4.82
C ILE E 89 -9.32 41.15 -5.66
N LYS E 90 -8.35 40.30 -6.01
CA LYS E 90 -7.25 40.74 -6.86
C LYS E 90 -7.73 41.12 -8.25
N ILE E 91 -8.67 40.34 -8.81
CA ILE E 91 -9.22 40.66 -10.13
C ILE E 91 -10.00 41.97 -10.08
N LEU E 92 -10.79 42.17 -9.01
CA LEU E 92 -11.52 43.42 -8.86
C LEU E 92 -10.57 44.60 -8.70
N ASP E 93 -9.35 44.36 -8.21
CA ASP E 93 -8.37 45.43 -8.14
C ASP E 93 -7.80 45.76 -9.51
N ILE E 94 -7.76 44.78 -10.42
CA ILE E 94 -7.32 45.05 -11.79
C ILE E 94 -8.32 45.96 -12.49
N PHE E 95 -9.61 45.65 -12.36
CA PHE E 95 -10.64 46.44 -13.02
C PHE E 95 -10.66 47.88 -12.54
N ASP E 96 -10.19 48.14 -11.32
CA ASP E 96 -10.06 49.51 -10.85
C ASP E 96 -8.87 50.21 -11.50
N LEU E 97 -7.81 49.46 -11.80
CA LEU E 97 -6.62 50.07 -12.42
C LEU E 97 -6.87 50.42 -13.87
N THR E 98 -7.73 49.68 -14.56
CA THR E 98 -8.03 49.97 -15.96
C THR E 98 -8.85 51.26 -16.13
N ARG E 99 -9.45 51.77 -15.06
CA ARG E 99 -10.25 52.98 -15.14
C ARG E 99 -9.49 54.18 -14.58
N MET F 1 -14.92 15.20 -14.84
CA MET F 1 -15.06 16.63 -14.62
C MET F 1 -13.70 17.30 -14.48
N ILE F 2 -12.74 16.58 -13.89
CA ILE F 2 -11.40 17.13 -13.68
C ILE F 2 -10.73 17.42 -15.01
N HIS F 3 -10.90 16.51 -15.99
CA HIS F 3 -10.30 16.72 -17.30
C HIS F 3 -10.89 17.95 -17.98
N ASN F 4 -12.22 18.13 -17.89
CA ASN F 4 -12.86 19.26 -18.56
C ASN F 4 -12.44 20.59 -17.94
N MET F 5 -12.35 20.66 -16.62
CA MET F 5 -11.95 21.91 -15.97
C MET F 5 -10.47 22.22 -16.16
N ALA F 6 -9.68 21.22 -16.57
CA ALA F 6 -8.28 21.49 -16.90
C ALA F 6 -8.16 22.40 -18.11
N TYR F 7 -8.95 22.14 -19.16
CA TYR F 7 -8.95 23.02 -20.31
C TYR F 7 -9.49 24.41 -19.95
N PHE F 8 -10.54 24.46 -19.13
CA PHE F 8 -11.07 25.74 -18.70
C PHE F 8 -10.04 26.51 -17.86
N GLY F 9 -9.35 25.81 -16.97
CA GLY F 9 -8.31 26.47 -16.18
C GLY F 9 -7.16 26.96 -17.04
N VAL F 10 -6.69 26.10 -17.96
CA VAL F 10 -5.65 26.52 -18.89
C VAL F 10 -6.16 27.62 -19.82
N GLY F 11 -7.38 27.45 -20.34
CA GLY F 11 -7.92 28.44 -21.26
C GLY F 11 -8.13 29.79 -20.62
N LEU F 12 -8.53 29.79 -19.34
CA LEU F 12 -8.72 31.06 -18.65
C LEU F 12 -7.39 31.79 -18.45
N ILE F 13 -6.34 31.06 -18.09
CA ILE F 13 -5.05 31.68 -17.80
C ILE F 13 -4.49 32.34 -19.06
N THR F 14 -4.68 31.71 -20.23
CA THR F 14 -4.29 32.36 -21.48
C THR F 14 -5.10 33.62 -21.72
N LEU F 15 -6.38 33.62 -21.34
CA LEU F 15 -7.22 34.80 -21.54
C LEU F 15 -6.78 35.95 -20.65
N MET F 16 -6.48 35.67 -19.38
CA MET F 16 -5.98 36.73 -18.49
C MET F 16 -4.62 37.22 -18.93
N PHE F 17 -3.76 36.32 -19.42
CA PHE F 17 -2.46 36.73 -19.92
C PHE F 17 -2.59 37.67 -21.11
N LEU F 18 -3.56 37.39 -21.99
CA LEU F 18 -3.80 38.29 -23.11
C LEU F 18 -4.25 39.66 -22.63
N ILE F 19 -5.13 39.69 -21.62
CA ILE F 19 -5.55 40.96 -21.05
C ILE F 19 -4.37 41.69 -20.41
N PHE F 20 -3.47 40.92 -19.79
CA PHE F 20 -2.30 41.54 -19.17
C PHE F 20 -1.35 42.15 -20.19
N VAL F 21 -1.26 41.56 -21.39
CA VAL F 21 -0.37 42.10 -22.42
C VAL F 21 -1.05 43.11 -23.33
N MET F 22 -2.39 43.18 -23.32
CA MET F 22 -3.06 44.27 -24.03
C MET F 22 -2.70 45.61 -23.43
N ASN F 23 -2.55 45.68 -22.10
CA ASN F 23 -2.16 46.94 -21.47
C ASN F 23 -0.66 47.15 -21.58
N ARG F 24 0.12 46.29 -20.92
CA ARG F 24 1.57 46.20 -21.10
C ARG F 24 2.28 47.52 -20.77
N ARG F 25 1.52 48.54 -20.38
CA ARG F 25 2.06 49.86 -20.13
C ARG F 25 1.57 50.51 -18.84
N ASN F 26 0.61 49.89 -18.14
CA ASN F 26 0.10 50.48 -16.92
C ASN F 26 1.15 50.52 -15.82
N LYS F 27 2.03 49.51 -15.78
CA LYS F 27 3.10 49.33 -14.79
C LYS F 27 2.55 49.02 -13.40
N SER F 28 1.24 49.05 -13.20
CA SER F 28 0.61 48.60 -11.97
C SER F 28 -0.20 47.33 -12.15
N ILE F 29 -0.81 47.14 -13.32
CA ILE F 29 -1.39 45.84 -13.66
C ILE F 29 -0.28 44.83 -13.90
N GLN F 30 0.81 45.25 -14.54
CA GLN F 30 1.89 44.32 -14.90
C GLN F 30 2.64 43.82 -13.68
N GLU F 31 2.72 44.64 -12.62
CA GLU F 31 3.43 44.19 -11.42
C GLU F 31 2.63 43.15 -10.65
N LEU F 32 1.31 43.17 -10.77
CA LEU F 32 0.45 42.19 -10.13
C LEU F 32 0.08 41.03 -11.05
N ALA F 33 0.43 41.12 -12.34
CA ALA F 33 0.07 40.06 -13.27
C ALA F 33 0.73 38.71 -12.95
N PRO F 34 2.04 38.62 -12.71
CA PRO F 34 2.62 37.29 -12.42
C PRO F 34 2.05 36.65 -11.17
N GLY F 35 1.75 37.42 -10.14
CA GLY F 35 1.19 36.85 -8.93
C GLY F 35 -0.21 36.27 -9.14
N ILE F 36 -1.05 37.00 -9.88
CA ILE F 36 -2.40 36.53 -10.15
C ILE F 36 -2.38 35.35 -11.11
N LEU F 37 -1.49 35.38 -12.10
CA LEU F 37 -1.40 34.27 -13.05
C LEU F 37 -0.99 32.98 -12.36
N ILE F 38 0.00 33.05 -11.46
CA ILE F 38 0.43 31.86 -10.74
C ILE F 38 -0.64 31.42 -9.76
N THR F 39 -1.26 32.37 -9.06
CA THR F 39 -2.29 32.02 -8.08
C THR F 39 -3.48 31.36 -8.75
N THR F 40 -3.87 31.84 -9.94
CA THR F 40 -4.96 31.20 -10.67
C THR F 40 -4.61 29.77 -11.05
N GLY F 41 -3.37 29.53 -11.48
CA GLY F 41 -2.96 28.18 -11.82
C GLY F 41 -2.97 27.25 -10.62
N ILE F 42 -2.49 27.73 -9.47
CA ILE F 42 -2.54 26.93 -8.25
C ILE F 42 -3.97 26.68 -7.82
N PHE F 43 -4.86 27.65 -8.04
CA PHE F 43 -6.27 27.48 -7.68
C PHE F 43 -6.89 26.32 -8.46
N PHE F 44 -6.68 26.29 -9.77
CA PHE F 44 -7.25 25.22 -10.59
C PHE F 44 -6.61 23.88 -10.29
N THR F 45 -5.31 23.88 -9.95
CA THR F 45 -4.67 22.64 -9.53
C THR F 45 -5.28 22.11 -8.23
N PHE F 46 -5.53 23.01 -7.27
CA PHE F 46 -6.13 22.59 -6.01
C PHE F 46 -7.55 22.09 -6.19
N VAL F 47 -8.33 22.74 -7.06
CA VAL F 47 -9.68 22.27 -7.34
C VAL F 47 -9.64 20.91 -8.03
N GLY F 48 -8.70 20.72 -8.96
CA GLY F 48 -8.58 19.44 -9.63
C GLY F 48 -8.25 18.30 -8.70
N ILE F 49 -7.44 18.57 -7.67
CA ILE F 49 -7.12 17.55 -6.69
C ILE F 49 -8.24 17.42 -5.66
N ALA F 50 -8.89 18.53 -5.31
CA ALA F 50 -10.01 18.48 -4.38
C ALA F 50 -11.17 17.68 -4.96
N ILE F 51 -11.45 17.85 -6.26
CA ILE F 51 -12.50 17.06 -6.90
C ILE F 51 -12.12 15.59 -6.92
N GLY F 52 -10.85 15.30 -7.20
CA GLY F 52 -10.40 13.91 -7.21
C GLY F 52 -10.27 13.29 -5.83
N LEU F 53 -10.28 14.10 -4.77
CA LEU F 53 -10.17 13.59 -3.42
C LEU F 53 -11.50 13.14 -2.84
N VAL F 54 -12.62 13.68 -3.32
CA VAL F 54 -13.92 13.28 -2.79
C VAL F 54 -14.27 11.85 -3.17
N HIS F 55 -13.64 11.31 -4.22
CA HIS F 55 -13.85 9.93 -4.62
C HIS F 55 -12.80 8.99 -4.03
N PHE F 56 -11.89 9.50 -3.22
CA PHE F 56 -10.85 8.68 -2.61
C PHE F 56 -11.32 8.14 -1.26
N ASN F 57 -11.16 6.85 -1.07
CA ASN F 57 -11.54 6.20 0.18
C ASN F 57 -10.53 5.13 0.54
N ALA F 58 -10.50 4.78 1.82
CA ALA F 58 -9.60 3.75 2.33
C ALA F 58 -10.21 2.36 2.30
N ASP F 59 -11.42 2.21 1.78
CA ASP F 59 -12.04 0.89 1.69
C ASP F 59 -11.22 -0.04 0.81
N ASN F 60 -10.73 0.47 -0.33
CA ASN F 60 -9.91 -0.31 -1.26
C ASN F 60 -8.85 0.64 -1.80
N VAL F 61 -7.69 0.68 -1.15
CA VAL F 61 -6.64 1.60 -1.55
C VAL F 61 -5.86 1.11 -2.77
N ASP F 62 -5.92 -0.19 -3.07
CA ASP F 62 -5.19 -0.74 -4.20
C ASP F 62 -5.75 -0.29 -5.54
N ASP F 63 -6.96 0.28 -5.56
CA ASP F 63 -7.53 0.84 -6.78
C ASP F 63 -8.04 2.26 -6.62
N SER F 64 -8.28 2.74 -5.40
CA SER F 64 -8.69 4.12 -5.21
C SER F 64 -7.55 5.08 -5.45
N LEU F 65 -6.35 4.77 -4.93
CA LEU F 65 -5.20 5.64 -5.18
C LEU F 65 -4.82 5.65 -6.66
N PRO F 66 -4.73 4.53 -7.37
CA PRO F 66 -4.53 4.61 -8.82
C PRO F 66 -5.63 5.38 -9.53
N THR F 67 -6.86 5.31 -9.03
CA THR F 67 -7.93 6.15 -9.57
C THR F 67 -7.69 7.62 -9.24
N LEU F 68 -7.17 7.89 -8.04
CA LEU F 68 -6.86 9.27 -7.66
C LEU F 68 -5.78 9.87 -8.54
N LEU F 69 -4.72 9.09 -8.80
CA LEU F 69 -3.64 9.58 -9.67
C LEU F 69 -4.11 9.73 -11.11
N ASN F 70 -4.99 8.85 -11.56
CA ASN F 70 -5.51 8.95 -12.93
C ASN F 70 -6.47 10.11 -13.09
N GLY F 71 -7.00 10.66 -12.01
CA GLY F 71 -7.93 11.77 -12.10
C GLY F 71 -7.27 13.12 -11.97
N ILE F 72 -6.10 13.17 -11.34
CA ILE F 72 -5.43 14.43 -11.06
C ILE F 72 -4.26 14.64 -12.01
N LYS F 73 -4.17 13.82 -13.05
CA LYS F 73 -3.06 13.96 -13.99
C LYS F 73 -3.11 15.30 -14.73
N THR F 74 -4.30 15.80 -15.02
CA THR F 74 -4.46 17.05 -15.75
C THR F 74 -4.60 18.26 -14.83
N ALA F 75 -4.48 18.07 -13.51
CA ALA F 75 -4.63 19.18 -12.59
C ALA F 75 -3.43 20.12 -12.62
N PHE F 76 -2.25 19.62 -13.00
CA PHE F 76 -1.02 20.40 -12.99
C PHE F 76 -0.73 21.09 -14.30
N TRP F 77 -1.60 20.94 -15.31
CA TRP F 77 -1.41 21.69 -16.54
C TRP F 77 -1.74 23.17 -16.35
N ALA F 78 -2.71 23.48 -15.49
CA ALA F 78 -3.01 24.88 -15.21
C ALA F 78 -1.90 25.54 -14.41
N SER F 79 -1.31 24.80 -13.47
CA SER F 79 -0.18 25.34 -12.71
C SER F 79 1.00 25.64 -13.63
N ALA F 80 1.30 24.73 -14.56
CA ALA F 80 2.37 24.97 -15.51
C ALA F 80 2.03 26.15 -16.42
N THR F 81 0.76 26.26 -16.82
CA THR F 81 0.35 27.38 -17.67
C THR F 81 0.48 28.71 -16.93
N GLY F 82 0.11 28.73 -15.65
CA GLY F 82 0.19 29.97 -14.90
C GLY F 82 1.61 30.47 -14.69
N VAL F 83 2.52 29.56 -14.35
CA VAL F 83 3.91 29.95 -14.14
C VAL F 83 4.56 30.34 -15.47
N PHE F 84 4.22 29.64 -16.55
CA PHE F 84 4.80 29.92 -17.85
C PHE F 84 4.47 31.34 -18.31
N PHE F 85 3.19 31.72 -18.19
CA PHE F 85 2.79 33.06 -18.63
C PHE F 85 3.24 34.13 -17.65
N ALA F 86 3.35 33.78 -16.37
CA ALA F 86 3.93 34.72 -15.40
C ALA F 86 5.42 34.95 -15.68
N LEU F 87 6.11 33.91 -16.14
CA LEU F 87 7.51 34.06 -16.51
C LEU F 87 7.66 35.00 -17.70
N ILE F 88 6.75 34.90 -18.67
CA ILE F 88 6.80 35.79 -19.83
C ILE F 88 6.64 37.24 -19.41
N ILE F 89 5.71 37.50 -18.50
CA ILE F 89 5.53 38.87 -17.99
C ILE F 89 6.79 39.32 -17.27
N LYS F 90 7.36 38.45 -16.44
CA LYS F 90 8.61 38.80 -15.74
C LYS F 90 9.77 38.98 -16.71
N ILE F 91 9.85 38.11 -17.72
CA ILE F 91 10.90 38.23 -18.73
C ILE F 91 10.74 39.52 -19.52
N LEU F 92 9.50 39.87 -19.87
CA LEU F 92 9.26 41.13 -20.57
C LEU F 92 9.65 42.33 -19.72
N ASP F 93 9.52 42.21 -18.39
CA ASP F 93 9.98 43.28 -17.52
C ASP F 93 11.50 43.44 -17.60
N ILE F 94 12.23 42.33 -17.68
CA ILE F 94 13.68 42.41 -17.86
C ILE F 94 14.03 43.04 -19.20
N PHE F 95 13.31 42.65 -20.26
CA PHE F 95 13.59 43.19 -21.58
C PHE F 95 13.41 44.71 -21.62
N ASP F 96 12.50 45.24 -20.80
CA ASP F 96 12.32 46.68 -20.69
C ASP F 96 13.36 47.33 -19.79
N LEU F 97 14.08 46.55 -18.98
CA LEU F 97 15.15 47.07 -18.14
C LEU F 97 16.47 47.21 -18.88
N THR F 98 16.60 46.60 -20.05
CA THR F 98 17.83 46.73 -20.84
C THR F 98 17.88 48.04 -21.63
N ARG F 99 16.78 48.79 -21.68
CA ARG F 99 16.75 50.07 -22.39
C ARG F 99 16.86 51.22 -21.41
N GLU G 13 5.10 41.29 -4.04
CA GLU G 13 5.18 39.89 -4.48
C GLU G 13 5.24 38.95 -3.29
N ASP G 14 4.51 39.28 -2.23
CA ASP G 14 4.45 38.45 -1.03
C ASP G 14 3.49 37.27 -1.17
N TYR G 15 2.99 37.01 -2.37
CA TYR G 15 2.11 35.86 -2.59
C TYR G 15 2.85 34.54 -2.49
N TRP G 16 4.19 34.56 -2.59
CA TRP G 16 4.96 33.32 -2.49
C TRP G 16 4.93 32.76 -1.07
N ILE G 17 4.72 33.61 -0.06
CA ILE G 17 4.62 33.12 1.31
C ILE G 17 3.40 32.23 1.47
N SER G 18 2.27 32.65 0.90
CA SER G 18 1.06 31.83 0.98
C SER G 18 1.16 30.62 0.06
N LEU G 19 1.79 30.77 -1.11
CA LEU G 19 1.92 29.66 -2.03
C LEU G 19 2.77 28.54 -1.44
N SER G 20 3.84 28.90 -0.72
CA SER G 20 4.69 27.88 -0.11
C SER G 20 3.94 27.05 0.91
N ASP G 21 2.93 27.63 1.57
CA ASP G 21 2.11 26.86 2.50
C ASP G 21 1.14 25.94 1.75
N MET G 22 0.63 26.40 0.61
CA MET G 22 -0.24 25.55 -0.20
C MET G 22 0.51 24.32 -0.73
N MET G 23 1.73 24.53 -1.23
CA MET G 23 2.52 23.39 -1.69
C MET G 23 2.98 22.52 -0.52
N THR G 24 3.16 23.12 0.66
CA THR G 24 3.44 22.32 1.85
C THR G 24 2.26 21.42 2.19
N SER G 25 1.04 21.95 2.12
CA SER G 25 -0.14 21.13 2.35
C SER G 25 -0.28 20.06 1.27
N LEU G 26 -0.01 20.44 0.01
CA LEU G 26 -0.02 19.46 -1.07
C LEU G 26 1.08 18.42 -0.90
N MET G 27 2.22 18.82 -0.35
CA MET G 27 3.31 17.88 -0.13
C MET G 27 2.91 16.77 0.83
N MET G 28 2.40 17.13 2.00
CA MET G 28 2.07 16.14 3.02
C MET G 28 0.71 15.50 2.80
N LEU G 29 -0.11 16.03 1.89
CA LEU G 29 -1.31 15.31 1.48
C LEU G 29 -0.94 14.00 0.80
N PHE G 30 0.05 14.03 -0.08
CA PHE G 30 0.52 12.82 -0.74
C PHE G 30 1.47 12.01 0.14
N LEU G 31 2.02 12.61 1.19
CA LEU G 31 2.79 11.84 2.16
C LEU G 31 1.87 10.96 3.00
N LEU G 32 0.76 11.54 3.49
CA LEU G 32 -0.23 10.74 4.20
C LEU G 32 -0.87 9.71 3.28
N ILE G 33 -1.16 10.10 2.03
CA ILE G 33 -1.77 9.18 1.08
C ILE G 33 -0.86 7.99 0.83
N SER G 34 0.45 8.24 0.68
CA SER G 34 1.40 7.15 0.55
C SER G 34 1.46 6.32 1.83
N VAL G 35 1.37 6.99 2.99
CA VAL G 35 1.38 6.28 4.26
C VAL G 35 0.10 5.48 4.46
N ILE G 36 -1.05 6.06 4.08
CA ILE G 36 -2.32 5.36 4.22
C ILE G 36 -2.35 4.12 3.35
N TYR G 37 -1.86 4.24 2.11
CA TYR G 37 -1.77 3.07 1.25
C TYR G 37 -0.82 2.04 1.83
N MET G 38 0.29 2.49 2.42
CA MET G 38 1.24 1.56 3.02
C MET G 38 0.62 0.80 4.19
N ILE G 39 -0.17 1.50 5.01
CA ILE G 39 -0.78 0.87 6.17
C ILE G 39 -1.81 -0.17 5.74
N LYS G 40 -2.68 0.18 4.78
CA LYS G 40 -3.80 -0.66 4.43
C LYS G 40 -3.40 -1.91 3.65
N VAL G 41 -2.17 -2.00 3.17
CA VAL G 41 -1.71 -3.18 2.45
C VAL G 41 -0.75 -4.02 3.29
N GLN G 42 -0.58 -3.68 4.57
CA GLN G 42 0.34 -4.43 5.41
C GLN G 42 -0.13 -5.85 5.65
N ASP G 43 -1.45 -6.05 5.78
CA ASP G 43 -1.99 -7.39 5.95
C ASP G 43 -1.73 -8.24 4.72
N SER G 44 -1.92 -7.67 3.53
CA SER G 44 -1.64 -8.40 2.29
C SER G 44 -0.15 -8.66 2.13
N VAL G 45 0.69 -7.70 2.53
CA VAL G 45 2.13 -7.84 2.40
C VAL G 45 2.65 -8.92 3.34
N LYS G 46 2.08 -9.02 4.54
CA LYS G 46 2.57 -9.96 5.53
C LYS G 46 2.27 -11.41 5.17
N VAL G 47 1.29 -11.66 4.29
CA VAL G 47 0.90 -13.04 3.98
C VAL G 47 2.04 -13.82 3.34
N PRO G 48 2.73 -13.33 2.32
CA PRO G 48 3.92 -14.06 1.83
C PRO G 48 5.01 -14.19 2.89
N GLN G 49 5.14 -13.21 3.79
CA GLN G 49 6.14 -13.31 4.85
C GLN G 49 5.76 -14.38 5.87
N ILE G 50 4.47 -14.45 6.22
CA ILE G 50 4.02 -15.50 7.14
C ILE G 50 4.21 -16.88 6.50
N TYR G 51 3.86 -16.99 5.21
CA TYR G 51 4.05 -18.26 4.50
C TYR G 51 5.53 -18.64 4.43
N LYS G 52 6.39 -17.67 4.13
CA LYS G 52 7.81 -17.95 4.03
C LYS G 52 8.39 -18.37 5.38
N GLU G 53 8.01 -17.68 6.45
CA GLU G 53 8.54 -18.01 7.77
C GLU G 53 8.07 -19.39 8.23
N THR G 54 6.81 -19.71 8.00
CA THR G 54 6.27 -20.99 8.48
C THR G 54 6.79 -22.16 7.65
N THR G 55 6.80 -22.02 6.33
CA THR G 55 7.21 -23.13 5.47
C THR G 55 8.69 -23.44 5.64
N GLN G 56 9.54 -22.42 5.56
CA GLN G 56 10.97 -22.64 5.78
C GLN G 56 11.26 -23.04 7.22
N GLY G 57 10.53 -22.46 8.18
CA GLY G 57 10.70 -22.85 9.56
C GLY G 57 10.34 -24.30 9.80
N LEU G 58 9.23 -24.76 9.23
CA LEU G 58 8.86 -26.17 9.33
C LEU G 58 9.87 -27.06 8.62
N ASN G 59 10.32 -26.64 7.43
CA ASN G 59 11.29 -27.44 6.68
C ASN G 59 12.62 -27.54 7.42
N HIS G 60 13.08 -26.41 7.97
CA HIS G 60 14.33 -26.44 8.73
C HIS G 60 14.19 -27.32 9.98
N ALA G 61 13.05 -27.22 10.67
CA ALA G 61 12.83 -28.06 11.83
C ALA G 61 12.69 -29.53 11.45
N LEU G 62 12.03 -29.81 10.32
CA LEU G 62 11.94 -31.17 9.83
C LEU G 62 13.30 -31.72 9.43
N LYS G 63 14.12 -30.89 8.77
CA LYS G 63 15.46 -31.32 8.41
C LYS G 63 16.33 -31.53 9.64
N LYS G 64 16.23 -30.63 10.62
CA LYS G 64 17.07 -30.75 11.81
C LYS G 64 16.77 -32.03 12.59
N GLU G 65 15.49 -32.38 12.73
CA GLU G 65 15.10 -33.50 13.56
C GLU G 65 15.36 -34.84 12.87
N PHE G 66 15.15 -34.93 11.56
CA PHE G 66 15.05 -36.22 10.89
C PHE G 66 16.12 -36.49 9.84
N ASP G 67 17.04 -35.56 9.58
CA ASP G 67 18.04 -35.78 8.53
C ASP G 67 18.91 -37.00 8.83
N LYS G 68 19.08 -37.34 10.10
CA LYS G 68 19.84 -38.52 10.48
C LYS G 68 19.05 -39.81 10.32
N ASP G 69 17.76 -39.72 9.98
CA ASP G 69 16.91 -40.90 9.88
C ASP G 69 16.34 -41.13 8.49
N LEU G 70 16.62 -40.25 7.52
CA LEU G 70 16.09 -40.44 6.18
C LEU G 70 16.62 -41.71 5.52
N MET G 71 17.93 -41.99 5.68
CA MET G 71 18.53 -43.12 4.99
C MET G 71 18.10 -44.45 5.58
N LYS G 72 17.95 -44.51 6.91
CA LYS G 72 17.55 -45.77 7.53
C LYS G 72 16.07 -46.07 7.32
N TRP G 73 15.22 -45.04 7.45
CA TRP G 73 13.80 -45.22 7.21
C TRP G 73 13.46 -45.33 5.73
N GLY G 74 14.32 -44.82 4.85
CA GLY G 74 13.98 -44.67 3.46
C GLY G 74 13.18 -43.44 3.13
N ALA G 75 12.92 -42.58 4.10
CA ALA G 75 12.13 -41.37 3.88
C ALA G 75 12.95 -40.32 3.12
N VAL G 76 12.23 -39.39 2.50
CA VAL G 76 12.83 -38.25 1.80
C VAL G 76 11.99 -37.02 2.08
N ILE G 77 12.66 -35.91 2.42
CA ILE G 77 12.02 -34.61 2.59
C ILE G 77 12.47 -33.73 1.44
N ASP G 78 11.51 -33.14 0.72
CA ASP G 78 11.76 -32.39 -0.50
C ASP G 78 11.16 -31.00 -0.42
N LYS G 79 11.43 -30.30 0.69
CA LYS G 79 11.05 -28.90 0.93
C LYS G 79 9.56 -28.63 0.64
N ASP G 80 8.74 -29.67 0.65
CA ASP G 80 7.30 -29.55 0.48
C ASP G 80 6.55 -29.84 1.77
N LEU G 81 7.24 -29.79 2.91
CA LEU G 81 6.67 -30.08 4.23
C LEU G 81 6.10 -31.48 4.32
N THR G 82 6.65 -32.42 3.54
CA THR G 82 6.17 -33.79 3.52
C THR G 82 7.31 -34.75 3.79
N VAL G 83 6.99 -35.86 4.46
CA VAL G 83 7.94 -36.92 4.72
C VAL G 83 7.58 -38.12 3.87
N ARG G 84 8.14 -38.20 2.67
CA ARG G 84 7.79 -39.22 1.70
C ARG G 84 8.57 -40.50 1.95
N PHE G 85 7.85 -41.62 2.04
CA PHE G 85 8.44 -42.92 2.39
C PHE G 85 8.49 -43.80 1.13
N GLN G 86 9.71 -44.12 0.69
CA GLN G 86 9.91 -44.98 -0.47
C GLN G 86 9.93 -46.45 -0.03
N GLN G 87 10.32 -47.32 -0.96
CA GLN G 87 10.67 -48.72 -0.72
C GLN G 87 9.49 -49.50 -0.11
N PRO G 88 8.46 -49.80 -0.90
CA PRO G 88 7.33 -50.59 -0.38
C PRO G 88 7.72 -52.03 -0.08
N ASP G 89 6.73 -52.84 0.28
CA ASP G 89 6.82 -54.24 0.69
C ASP G 89 7.41 -54.40 2.09
N ILE G 90 7.89 -53.34 2.72
CA ILE G 90 8.25 -53.39 4.13
C ILE G 90 7.34 -52.51 4.99
N LEU G 91 6.63 -51.55 4.39
CA LEU G 91 5.70 -50.73 5.15
C LEU G 91 4.38 -51.47 5.38
N PHE G 92 3.87 -52.13 4.34
CA PHE G 92 2.64 -52.90 4.43
C PHE G 92 2.86 -54.28 3.81
N ALA G 93 1.88 -55.15 3.99
CA ALA G 93 1.96 -56.48 3.40
C ALA G 93 1.77 -56.40 1.89
N THR G 94 2.15 -57.47 1.21
CA THR G 94 2.07 -57.53 -0.25
C THR G 94 0.60 -57.62 -0.65
N GLY G 95 0.05 -56.51 -1.14
CA GLY G 95 -1.34 -56.49 -1.56
C GLY G 95 -2.34 -56.50 -0.42
N SER G 96 -1.92 -56.11 0.78
CA SER G 96 -2.80 -56.09 1.94
C SER G 96 -2.58 -54.81 2.72
N SER G 97 -3.58 -54.45 3.52
CA SER G 97 -3.53 -53.24 4.34
C SER G 97 -2.95 -53.48 5.72
N ALA G 98 -2.58 -54.72 6.05
CA ALA G 98 -2.01 -55.01 7.35
C ALA G 98 -0.65 -54.33 7.49
N LEU G 99 -0.41 -53.76 8.67
CA LEU G 99 0.83 -53.04 8.92
C LEU G 99 1.93 -54.01 9.33
N THR G 100 3.06 -53.96 8.63
CA THR G 100 4.19 -54.79 8.97
C THR G 100 4.91 -54.23 10.20
N PRO G 101 5.56 -55.10 10.99
CA PRO G 101 6.28 -54.61 12.16
C PRO G 101 7.41 -53.65 11.84
N ARG G 102 7.93 -53.67 10.61
CA ARG G 102 9.01 -52.74 10.25
C ARG G 102 8.53 -51.30 10.29
N PHE G 103 7.38 -51.01 9.68
CA PHE G 103 6.85 -49.65 9.69
C PHE G 103 6.24 -49.28 11.04
N LYS G 104 5.82 -50.26 11.83
CA LYS G 104 5.31 -49.96 13.17
C LYS G 104 6.39 -49.36 14.04
N GLU G 105 7.61 -49.92 14.00
CA GLU G 105 8.71 -49.36 14.76
C GLU G 105 9.18 -48.03 14.17
N ILE G 106 8.99 -47.84 12.86
CA ILE G 106 9.31 -46.56 12.24
C ILE G 106 8.37 -45.47 12.77
N LEU G 107 7.07 -45.77 12.84
CA LEU G 107 6.10 -44.80 13.29
C LEU G 107 6.32 -44.44 14.77
N ASP G 108 6.78 -45.41 15.56
CA ASP G 108 6.99 -45.15 16.98
C ASP G 108 8.06 -44.08 17.20
N ASP G 109 9.19 -44.21 16.51
CA ASP G 109 10.27 -43.24 16.68
C ASP G 109 9.98 -41.94 15.91
N PHE G 110 9.40 -42.04 14.72
CA PHE G 110 9.24 -40.87 13.87
C PHE G 110 8.16 -39.93 14.39
N PHE G 111 7.00 -40.48 14.76
CA PHE G 111 5.83 -39.64 15.00
C PHE G 111 5.96 -38.79 16.25
N ILE G 112 6.57 -39.34 17.31
CA ILE G 112 6.66 -38.61 18.57
C ILE G 112 7.44 -37.32 18.38
N ARG G 113 8.58 -37.40 17.68
CA ARG G 113 9.33 -36.19 17.36
C ARG G 113 8.66 -35.39 16.26
N TYR G 114 7.92 -36.05 15.38
CA TYR G 114 7.20 -35.35 14.32
C TYR G 114 6.08 -34.50 14.89
N LEU G 115 5.29 -35.07 15.81
CA LEU G 115 4.19 -34.33 16.43
C LEU G 115 4.68 -33.22 17.35
N LYS G 116 5.88 -33.38 17.91
CA LYS G 116 6.44 -32.31 18.76
C LYS G 116 6.67 -31.04 17.96
N ILE G 117 7.19 -31.17 16.74
CA ILE G 117 7.36 -30.00 15.87
C ILE G 117 6.00 -29.45 15.46
N MET G 118 5.04 -30.35 15.21
CA MET G 118 3.73 -29.89 14.73
C MET G 118 2.95 -29.19 15.84
N MET G 119 3.05 -29.70 17.06
CA MET G 119 2.40 -29.07 18.22
C MET G 119 3.37 -28.15 18.94
N SER G 120 3.86 -27.15 18.20
CA SER G 120 4.79 -26.17 18.73
C SER G 120 4.18 -24.78 18.62
N LYS G 121 4.64 -23.88 19.49
CA LYS G 121 4.10 -22.52 19.54
C LYS G 121 4.15 -21.79 18.20
N PRO G 122 5.26 -21.81 17.44
CA PRO G 122 5.25 -21.11 16.14
C PRO G 122 4.50 -21.84 15.04
N PHE G 123 4.07 -23.09 15.26
CA PHE G 123 3.47 -23.89 14.20
C PHE G 123 2.06 -24.39 14.51
N ILE G 124 1.67 -24.49 15.78
CA ILE G 124 0.36 -25.05 16.09
C ILE G 124 -0.76 -24.17 15.55
N ASN G 125 -0.58 -22.86 15.55
CA ASN G 125 -1.57 -21.92 15.03
C ASN G 125 -1.38 -21.62 13.56
N ASN G 126 -0.33 -22.16 12.93
CA ASN G 126 -0.06 -21.94 11.52
C ASN G 126 -0.22 -23.22 10.69
N ILE G 127 -0.95 -24.20 11.21
CA ILE G 127 -1.16 -25.48 10.54
C ILE G 127 -2.66 -25.71 10.43
N GLU G 128 -3.12 -26.00 9.21
CA GLU G 128 -4.54 -26.26 8.97
C GLU G 128 -4.86 -27.74 8.81
N GLU G 129 -3.94 -28.51 8.23
CA GLU G 129 -4.21 -29.92 7.97
C GLU G 129 -2.90 -30.65 7.77
N ILE G 130 -2.79 -31.83 8.37
CA ILE G 130 -1.68 -32.75 8.14
C ILE G 130 -2.23 -33.97 7.42
N ARG G 131 -1.75 -34.22 6.22
CA ARG G 131 -2.33 -35.19 5.31
C ARG G 131 -1.47 -36.44 5.25
N ILE G 132 -2.04 -37.58 5.59
CA ILE G 132 -1.42 -38.87 5.32
C ILE G 132 -1.91 -39.34 3.97
N GLU G 133 -1.00 -39.49 3.02
CA GLU G 133 -1.35 -39.75 1.63
C GLU G 133 -0.75 -41.09 1.20
N GLY G 134 -1.60 -42.02 0.80
CA GLY G 134 -1.15 -43.30 0.30
C GLY G 134 -1.25 -43.39 -1.22
N HIS G 135 -0.11 -43.42 -1.90
CA HIS G 135 -0.05 -43.44 -3.35
C HIS G 135 0.35 -44.83 -3.82
N THR G 136 -0.29 -45.28 -4.90
CA THR G 136 -0.08 -46.62 -5.44
C THR G 136 0.23 -46.52 -6.93
N SER G 137 1.05 -47.46 -7.41
CA SER G 137 1.40 -47.49 -8.82
C SER G 137 0.17 -47.72 -9.68
N SER G 138 0.29 -47.33 -10.96
CA SER G 138 -0.86 -47.33 -11.88
C SER G 138 -1.29 -48.72 -12.31
N MET G 139 -0.49 -49.76 -12.03
CA MET G 139 -0.81 -51.11 -12.47
C MET G 139 -1.33 -51.93 -11.30
N TRP G 140 -2.41 -52.67 -11.55
CA TRP G 140 -2.99 -53.59 -10.57
C TRP G 140 -2.95 -55.00 -11.14
N GLU G 141 -2.47 -55.94 -10.34
CA GLU G 141 -2.30 -57.31 -10.82
C GLU G 141 -3.64 -57.96 -11.12
N GLY G 142 -3.70 -58.69 -12.23
CA GLY G 142 -4.91 -59.38 -12.64
C GLY G 142 -5.91 -58.54 -13.39
N GLU G 143 -5.58 -57.28 -13.68
CA GLU G 143 -6.49 -56.39 -14.39
C GLU G 143 -5.74 -55.66 -15.50
N SER G 144 -6.45 -55.41 -16.60
CA SER G 144 -5.89 -54.73 -17.76
C SER G 144 -6.77 -53.56 -18.20
N ASP G 145 -7.50 -52.96 -17.27
CA ASP G 145 -8.38 -51.83 -17.55
C ASP G 145 -7.89 -50.61 -16.80
N ARG G 146 -7.74 -49.49 -17.51
CA ARG G 146 -7.28 -48.26 -16.88
C ARG G 146 -8.26 -47.77 -15.84
N GLY G 147 -9.56 -47.85 -16.13
CA GLY G 147 -10.55 -47.45 -15.15
C GLY G 147 -10.58 -48.33 -13.93
N LYS G 148 -10.39 -49.64 -14.10
CA LYS G 148 -10.38 -50.57 -12.99
C LYS G 148 -9.03 -50.64 -12.29
N ALA G 149 -8.01 -49.98 -12.82
CA ALA G 149 -6.70 -49.92 -12.17
C ALA G 149 -6.56 -48.73 -11.25
N TYR G 150 -7.64 -47.95 -11.06
CA TYR G 150 -7.59 -46.76 -10.23
C TYR G 150 -8.41 -46.86 -8.95
N PHE G 151 -9.44 -47.71 -8.91
CA PHE G 151 -10.32 -47.78 -7.76
C PHE G 151 -9.92 -48.88 -6.77
N LYS G 152 -9.69 -50.10 -7.24
CA LYS G 152 -9.16 -51.13 -6.34
C LYS G 152 -7.77 -50.78 -5.85
N ASN G 153 -7.03 -49.92 -6.55
CA ASN G 153 -5.82 -49.35 -5.98
C ASN G 153 -6.16 -48.32 -4.90
N MET G 154 -7.25 -47.57 -5.08
CA MET G 154 -7.68 -46.63 -4.05
C MET G 154 -8.25 -47.32 -2.83
N THR G 155 -8.93 -48.45 -3.01
CA THR G 155 -9.42 -49.21 -1.86
C THR G 155 -8.28 -49.66 -0.99
N LEU G 156 -7.23 -50.23 -1.59
CA LEU G 156 -6.06 -50.65 -0.83
C LEU G 156 -5.36 -49.47 -0.19
N SER G 157 -5.21 -48.37 -0.94
CA SER G 157 -4.48 -47.21 -0.44
C SER G 157 -5.22 -46.55 0.73
N GLN G 158 -6.56 -46.47 0.64
CA GLN G 158 -7.32 -45.86 1.72
C GLN G 158 -7.20 -46.66 3.00
N GLU G 159 -7.25 -48.00 2.91
CA GLU G 159 -7.10 -48.83 4.10
C GLU G 159 -5.68 -48.79 4.64
N ARG G 160 -4.68 -48.78 3.76
CA ARG G 160 -3.30 -48.67 4.22
C ARG G 160 -3.06 -47.33 4.91
N THR G 161 -3.60 -46.24 4.33
CA THR G 161 -3.46 -44.94 4.96
C THR G 161 -4.19 -44.88 6.29
N ARG G 162 -5.40 -45.45 6.35
CA ARG G 162 -6.13 -45.50 7.61
C ARG G 162 -5.44 -46.41 8.63
N ALA G 163 -4.76 -47.46 8.15
CA ALA G 163 -4.07 -48.37 9.06
C ALA G 163 -2.98 -47.65 9.84
N THR G 164 -2.22 -46.77 9.16
CA THR G 164 -1.21 -45.99 9.87
C THR G 164 -1.85 -45.07 10.90
N LEU G 165 -2.93 -44.38 10.52
CA LEU G 165 -3.61 -43.51 11.47
C LEU G 165 -4.20 -44.30 12.62
N GLU G 166 -4.76 -45.48 12.33
CA GLU G 166 -5.32 -46.31 13.40
C GLU G 166 -4.22 -46.76 14.36
N TYR G 167 -3.06 -47.14 13.84
CA TYR G 167 -1.98 -47.62 14.69
C TYR G 167 -1.42 -46.52 15.57
N ILE G 168 -1.35 -45.28 15.07
CA ILE G 168 -0.75 -44.20 15.83
C ILE G 168 -1.53 -43.93 17.12
N MET G 169 -2.86 -43.82 17.00
CA MET G 169 -3.70 -43.47 18.14
C MET G 169 -4.23 -44.67 18.90
N THR G 170 -3.89 -45.89 18.49
CA THR G 170 -4.30 -47.10 19.20
C THR G 170 -3.09 -48.00 19.43
N SER G 171 -2.00 -47.42 19.89
CA SER G 171 -0.76 -48.15 20.18
C SER G 171 -0.47 -48.12 21.66
N ASP G 172 0.62 -48.79 22.04
CA ASP G 172 1.08 -48.83 23.42
C ASP G 172 2.48 -48.28 23.60
N LYS G 173 3.18 -47.92 22.52
CA LYS G 173 4.52 -47.37 22.61
C LYS G 173 4.61 -45.90 22.24
N ILE G 174 3.56 -45.34 21.63
CA ILE G 174 3.53 -43.91 21.29
C ILE G 174 2.88 -43.18 22.46
N ASN G 175 3.58 -42.19 23.00
CA ASN G 175 3.11 -41.44 24.16
C ASN G 175 2.14 -40.36 23.71
N LEU G 176 0.98 -40.80 23.25
CA LEU G 176 -0.10 -39.90 22.83
C LEU G 176 -0.99 -39.62 24.04
N THR G 177 -0.89 -38.41 24.58
CA THR G 177 -1.69 -38.03 25.73
C THR G 177 -3.15 -37.88 25.33
N GLY G 178 -4.02 -37.84 26.34
CA GLY G 178 -5.44 -37.74 26.09
C GLY G 178 -5.86 -36.45 25.41
N GLU G 179 -5.04 -35.41 25.46
CA GLU G 179 -5.35 -34.14 24.83
C GLU G 179 -4.80 -34.03 23.42
N GLN G 180 -3.69 -34.70 23.12
CA GLN G 180 -3.11 -34.66 21.79
C GLN G 180 -3.97 -35.38 20.76
N LYS G 181 -4.79 -36.35 21.19
CA LYS G 181 -5.58 -37.12 20.23
C LYS G 181 -6.62 -36.25 19.53
N GLU G 182 -7.23 -35.32 20.25
CA GLU G 182 -8.22 -34.44 19.63
C GLU G 182 -7.58 -33.56 18.57
N TRP G 183 -6.32 -33.18 18.76
CA TRP G 183 -5.63 -32.40 17.74
C TRP G 183 -5.44 -33.19 16.45
N LEU G 184 -5.16 -34.49 16.56
CA LEU G 184 -5.07 -35.33 15.37
C LEU G 184 -6.43 -35.47 14.70
N MET G 185 -7.50 -35.58 15.49
CA MET G 185 -8.83 -35.70 14.91
C MET G 185 -9.20 -34.47 14.11
N ARG G 186 -8.84 -33.29 14.59
CA ARG G 186 -9.19 -32.05 13.92
C ARG G 186 -8.21 -31.64 12.84
N HIS G 187 -7.06 -32.31 12.73
CA HIS G 187 -6.07 -31.97 11.71
C HIS G 187 -5.66 -33.12 10.81
N PHE G 188 -5.50 -34.32 11.35
CA PHE G 188 -4.97 -35.43 10.55
C PHE G 188 -6.05 -36.00 9.65
N SER G 189 -5.74 -36.11 8.35
CA SER G 189 -6.63 -36.66 7.36
C SER G 189 -5.99 -37.89 6.73
N ALA G 190 -6.73 -38.98 6.67
CA ALA G 190 -6.28 -40.22 6.03
C ALA G 190 -6.79 -40.21 4.59
N ILE G 191 -6.08 -39.47 3.73
CA ILE G 191 -6.47 -39.31 2.33
C ILE G 191 -5.77 -40.40 1.54
N GLY G 192 -6.53 -41.44 1.20
CA GLY G 192 -5.99 -42.52 0.39
C GLY G 192 -6.07 -42.21 -1.09
N PHE G 193 -4.93 -41.88 -1.69
CA PHE G 193 -4.87 -41.55 -3.11
C PHE G 193 -4.87 -42.83 -3.93
N SER G 194 -4.56 -42.71 -5.21
CA SER G 194 -4.62 -43.85 -6.12
C SER G 194 -3.55 -43.62 -7.19
N SER G 195 -3.71 -44.30 -8.33
CA SER G 195 -2.75 -44.21 -9.43
C SER G 195 -2.46 -42.78 -9.86
N GLY G 196 -3.29 -41.81 -9.47
CA GLY G 196 -3.01 -40.43 -9.78
C GLY G 196 -1.81 -39.90 -9.03
N HIS G 197 -1.29 -38.78 -9.52
CA HIS G 197 -0.10 -38.11 -8.97
C HIS G 197 1.10 -39.04 -8.95
N PRO G 198 1.64 -39.42 -10.10
CA PRO G 198 2.83 -40.29 -10.11
C PRO G 198 4.11 -39.47 -9.95
N LEU G 199 5.22 -40.20 -9.81
CA LEU G 199 6.54 -39.61 -9.69
C LEU G 199 7.44 -40.16 -10.79
N THR G 200 8.23 -39.28 -11.41
CA THR G 200 9.17 -39.68 -12.45
C THR G 200 10.45 -40.19 -11.80
N ASN G 201 11.46 -40.50 -12.61
CA ASN G 201 12.71 -41.03 -12.09
C ASN G 201 13.44 -40.03 -11.21
N LYS G 202 13.20 -38.73 -11.42
CA LYS G 202 13.84 -37.69 -10.63
C LYS G 202 13.08 -37.36 -9.35
N GLY G 203 11.98 -38.04 -9.07
CA GLY G 203 11.18 -37.75 -7.91
C GLY G 203 10.26 -36.55 -8.04
N THR G 204 10.13 -36.00 -9.25
CA THR G 204 9.27 -34.85 -9.51
C THR G 204 7.94 -35.31 -10.08
N TYR G 205 6.89 -34.54 -9.80
CA TYR G 205 5.57 -34.87 -10.30
C TYR G 205 5.55 -34.85 -11.83
N LEU G 206 4.76 -35.74 -12.42
CA LEU G 206 4.78 -35.95 -13.85
C LEU G 206 4.32 -34.71 -14.62
N VAL G 207 4.91 -34.51 -15.79
CA VAL G 207 4.51 -33.44 -16.71
C VAL G 207 3.92 -34.09 -17.95
N ASP G 208 3.49 -33.25 -18.90
CA ASP G 208 2.83 -33.78 -20.10
C ASP G 208 3.75 -34.65 -20.94
N GLY G 209 5.06 -34.49 -20.81
CA GLY G 209 6.00 -35.26 -21.62
C GLY G 209 6.96 -36.13 -20.83
N GLU G 210 6.46 -36.78 -19.78
CA GLU G 210 7.29 -37.63 -18.95
C GLU G 210 6.53 -38.87 -18.54
N SER G 211 7.28 -39.91 -18.17
CA SER G 211 6.72 -41.18 -17.75
C SER G 211 6.74 -41.28 -16.23
N GLU G 212 6.26 -42.42 -15.72
CA GLU G 212 6.12 -42.66 -14.29
C GLU G 212 7.00 -43.84 -13.88
N ASP G 213 6.89 -44.19 -12.59
CA ASP G 213 7.62 -45.33 -12.05
C ASP G 213 6.67 -46.26 -11.30
N SER G 214 7.19 -47.33 -10.71
CA SER G 214 6.40 -48.27 -9.94
C SER G 214 6.84 -48.42 -8.50
N GLN G 215 8.15 -48.52 -8.25
CA GLN G 215 8.65 -48.61 -6.88
C GLN G 215 8.85 -47.26 -6.23
N LEU G 216 8.84 -46.17 -7.02
CA LEU G 216 8.98 -44.82 -6.48
C LEU G 216 7.65 -44.08 -6.41
N SER G 217 6.70 -44.41 -7.29
CA SER G 217 5.38 -43.81 -7.23
C SER G 217 4.50 -44.40 -6.13
N GLN G 218 4.84 -45.58 -5.63
CA GLN G 218 4.12 -46.19 -4.52
C GLN G 218 4.77 -45.71 -3.22
N ARG G 219 4.02 -44.90 -2.47
CA ARG G 219 4.62 -44.14 -1.37
C ARG G 219 3.56 -43.80 -0.33
N VAL G 220 4.04 -43.42 0.85
CA VAL G 220 3.20 -42.90 1.93
C VAL G 220 3.82 -41.58 2.37
N GLU G 221 3.02 -40.52 2.38
CA GLU G 221 3.50 -39.19 2.68
C GLU G 221 2.83 -38.64 3.93
N PHE G 222 3.53 -37.74 4.61
CA PHE G 222 3.02 -36.99 5.76
C PHE G 222 3.16 -35.52 5.40
N ARG G 223 2.17 -34.97 4.69
CA ARG G 223 2.23 -33.61 4.18
C ARG G 223 1.50 -32.66 5.12
N VAL G 224 2.09 -31.48 5.31
CA VAL G 224 1.55 -30.46 6.20
C VAL G 224 1.01 -29.32 5.36
N ARG G 225 -0.22 -28.90 5.65
CA ARG G 225 -0.87 -27.78 4.97
C ARG G 225 -0.98 -26.62 5.95
N THR G 226 -0.27 -25.54 5.67
CA THR G 226 -0.36 -24.35 6.50
C THR G 226 -1.67 -23.61 6.24
N ASN G 227 -2.17 -22.93 7.26
CA ASN G 227 -3.43 -22.21 7.15
C ASN G 227 -3.24 -20.83 6.54
N ILE G 228 -2.55 -20.76 5.40
CA ILE G 228 -2.39 -19.48 4.72
C ILE G 228 -3.64 -19.10 3.93
N GLU G 229 -4.45 -20.08 3.54
CA GLU G 229 -5.71 -19.77 2.88
C GLU G 229 -6.66 -19.07 3.83
N ARG G 230 -6.69 -19.49 5.09
CA ARG G 230 -7.50 -18.80 6.09
C ARG G 230 -6.98 -17.39 6.32
N LYS G 231 -5.67 -17.22 6.40
CA LYS G 231 -5.10 -15.88 6.59
C LYS G 231 -5.39 -14.99 5.39
N VAL G 232 -5.31 -15.54 4.18
CA VAL G 232 -5.74 -14.81 3.00
C VAL G 232 -7.24 -14.52 3.07
N ALA G 233 -8.02 -15.51 3.51
CA ALA G 233 -9.46 -15.32 3.61
C ALA G 233 -9.80 -14.25 4.65
N ASP G 234 -9.14 -14.29 5.81
CA ASP G 234 -9.48 -13.34 6.88
C ASP G 234 -9.29 -11.89 6.47
N ILE G 235 -8.44 -11.63 5.48
CA ILE G 235 -8.36 -10.30 4.89
C ILE G 235 -9.66 -9.96 4.16
N VAL G 236 -10.28 -10.96 3.51
CA VAL G 236 -11.44 -10.69 2.68
C VAL G 236 -12.62 -10.22 3.52
N GLU G 237 -12.94 -10.93 4.61
CA GLU G 237 -14.03 -10.47 5.46
C GLU G 237 -13.68 -9.18 6.19
N LYS G 238 -12.41 -9.01 6.56
CA LYS G 238 -12.01 -7.75 7.19
C LYS G 238 -12.19 -6.58 6.23
N GLU G 239 -11.82 -6.78 4.96
CA GLU G 239 -12.07 -5.75 3.95
C GLU G 239 -13.57 -5.56 3.74
N ASN G 240 -14.33 -6.66 3.69
CA ASN G 240 -15.78 -6.56 3.54
C ASN G 240 -16.41 -5.91 4.76
N LEU G 241 -15.94 -6.25 5.96
CA LEU G 241 -16.46 -5.63 7.18
C LEU G 241 -16.13 -4.14 7.20
N TYR G 242 -14.91 -3.77 6.79
CA TYR G 242 -14.55 -2.36 6.71
C TYR G 242 -15.41 -1.64 5.68
N PHE G 243 -15.63 -2.27 4.53
CA PHE G 243 -16.51 -1.67 3.52
C PHE G 243 -17.95 -1.56 4.04
N GLN G 244 -18.42 -2.60 4.73
CA GLN G 244 -19.77 -2.57 5.29
C GLN G 244 -19.86 -1.64 6.49
N GLY G 245 -18.74 -1.32 7.13
CA GLY G 245 -18.76 -0.42 8.27
C GLY G 245 -19.00 1.03 7.92
N GLN G 246 -18.75 1.41 6.67
CA GLN G 246 -18.98 2.77 6.20
C GLN G 246 -20.40 3.01 5.73
N PHE G 247 -21.24 1.97 5.71
CA PHE G 247 -22.62 2.11 5.26
C PHE G 247 -23.59 2.13 6.45
#